data_3EQ7
#
_entry.id   3EQ7
#
_cell.length_a   72.440
_cell.length_b   101.440
_cell.length_c   112.250
_cell.angle_alpha   90.00
_cell.angle_beta   90.00
_cell.angle_gamma   90.00
#
_symmetry.space_group_name_H-M   'P 21 21 21'
#
loop_
_entity.id
_entity.type
_entity.pdbx_description
1 polymer 'Prolyl endopeptidase'
2 non-polymer 2-{3-[(2S)-4,4-difluoro-2-(pyrrolidin-1-ylcarbonyl)pyrrolidin-1-yl]-3-oxopropyl}-isoindole-1,3(2H)-dione
3 water water
#
_entity_poly.entity_id   1
_entity_poly.type   'polypeptide(L)'
_entity_poly.pdbx_seq_one_letter_code
;MLSFQYPDVYRDETAIQDYHGHKVCDPYAWLEDPDSEQTKAFVEAQNKITVPFLEQCPIRGLYKERMTELYDYPKYSCHF
KKGKRYFYFYNTGLQNQRVLYVQDSLEGEARVFLDPNILSDDGTVALRGYAFSEDGEYFAYGLSASGSDWVTIKFMKVDG
AKELPDVLERVKFSCMAWTHDGKGMFYNAYPQQDGKSDGTETSTNLHQKLYYHVLGTDQSEDILCAEFPDEPKWMGGAEL
SDDGRYVLLSIREGCDPVNRLWYCDLQQESNGITGILKWVKLIDNFEGEYDYVTNEGTVFTFKTNRHSPNYRLINIDFTD
PEESKWKVLVPEHEKDVLEWVACVRSNFLVLCYLHDVKNTLQLHDLATGALLKIFPLEVGSVVGYSGQKKDTEIFYQFTS
FLSPGIIYHCDLTKEELEPRVFREVTVKGIDASDYQTVQIFYPSKDGTKIPMFIVHKKGIKLDGSHPAFLYGYGGFNISI
TPNYSVSRLIFVRHMGGVLAVANIRGGGEYGETWHKGGILANKQNCFDDFQCAAEYLIKEGYTSPKRLTINGGSNGGLLV
ATCANQRPDLFGCVIAQVGVMDMLKFHKYTIGHAWTTDYGCSDSKQHFEWLIKYSPLHNVKLPEADDIQYPSMLLLTADH
DDRVVPLHSLKFIATLQYIVGRSRKQNNPLLIHVDTKAGHGAGKPTAKVIEEVSDMFAFIARCLNIDWIP
;
_entity_poly.pdbx_strand_id   A
#
# COMPACT_ATOMS: atom_id res chain seq x y z
N PHE A 4 17.14 11.50 30.02
CA PHE A 4 16.70 12.43 28.94
C PHE A 4 15.39 13.12 29.31
N GLN A 5 15.28 14.39 28.93
CA GLN A 5 14.09 15.19 29.20
C GLN A 5 13.47 15.68 27.90
N TYR A 6 12.15 15.58 27.80
CA TYR A 6 11.43 16.03 26.64
C TYR A 6 11.64 17.54 26.43
N PRO A 7 11.87 17.98 25.19
CA PRO A 7 12.11 19.38 24.85
C PRO A 7 10.88 20.27 25.02
N ASP A 8 11.14 21.53 25.33
CA ASP A 8 10.07 22.50 25.53
C ASP A 8 9.47 22.92 24.21
N VAL A 9 8.17 22.69 24.07
CA VAL A 9 7.44 23.01 22.85
C VAL A 9 6.46 24.12 23.14
N TYR A 10 6.46 25.15 22.31
CA TYR A 10 5.55 26.28 22.52
C TYR A 10 4.10 25.88 22.19
N ARG A 11 3.19 26.14 23.13
CA ARG A 11 1.77 25.86 22.98
C ARG A 11 1.07 27.15 22.60
N ASP A 12 0.36 27.16 21.48
CA ASP A 12 -0.36 28.38 21.05
C ASP A 12 -1.82 28.31 21.46
N GLU A 13 -2.08 28.53 22.74
CA GLU A 13 -3.44 28.49 23.27
C GLU A 13 -4.47 29.39 22.60
N THR A 14 -4.05 30.21 21.63
CA THR A 14 -5.01 31.07 20.95
C THR A 14 -5.59 30.41 19.71
N ALA A 15 -5.07 29.24 19.36
CA ALA A 15 -5.51 28.53 18.17
C ALA A 15 -6.81 27.76 18.37
N ILE A 16 -7.91 28.50 18.44
CA ILE A 16 -9.23 27.89 18.60
C ILE A 16 -9.98 27.97 17.27
N GLN A 17 -10.48 26.83 16.82
CA GLN A 17 -11.24 26.80 15.58
C GLN A 17 -12.63 26.28 15.93
N ASP A 18 -13.63 26.69 15.17
CA ASP A 18 -15.00 26.26 15.47
C ASP A 18 -15.51 25.21 14.50
N TYR A 19 -15.77 24.02 15.02
CA TYR A 19 -16.29 22.95 14.19
C TYR A 19 -17.76 22.82 14.56
N HIS A 20 -18.63 23.24 13.64
CA HIS A 20 -20.06 23.17 13.86
C HIS A 20 -20.50 23.49 15.30
N GLY A 21 -19.88 24.49 15.90
CA GLY A 21 -20.23 24.86 17.25
C GLY A 21 -19.13 24.53 18.24
N HIS A 22 -18.75 23.25 18.29
CA HIS A 22 -17.70 22.82 19.20
C HIS A 22 -16.44 23.60 18.92
N LYS A 23 -15.77 23.99 20.00
CA LYS A 23 -14.53 24.74 19.90
C LYS A 23 -13.42 23.76 20.24
N VAL A 24 -12.45 23.61 19.34
CA VAL A 24 -11.33 22.71 19.59
C VAL A 24 -10.00 23.45 19.39
N CYS A 25 -9.08 23.22 20.32
CA CYS A 25 -7.76 23.85 20.36
C CYS A 25 -6.65 23.02 19.70
N ASP A 26 -5.78 23.69 18.94
CA ASP A 26 -4.67 23.05 18.26
C ASP A 26 -3.41 23.89 18.54
N PRO A 27 -2.92 23.86 19.78
CA PRO A 27 -1.75 24.63 20.20
C PRO A 27 -0.44 24.35 19.46
N TYR A 28 -0.44 23.30 18.64
CA TYR A 28 0.75 22.94 17.88
C TYR A 28 0.48 22.98 16.39
N ALA A 29 -0.51 23.79 16.01
CA ALA A 29 -0.88 23.93 14.61
C ALA A 29 0.24 24.61 13.84
N TRP A 30 1.20 25.15 14.57
CA TRP A 30 2.34 25.83 13.96
C TRP A 30 3.36 24.81 13.51
N LEU A 31 3.09 23.55 13.85
CA LEU A 31 3.97 22.46 13.49
C LEU A 31 3.61 22.02 12.08
N GLU A 32 2.62 22.68 11.51
CA GLU A 32 2.18 22.36 10.16
C GLU A 32 2.99 23.10 9.13
N ASP A 33 3.93 23.93 9.57
CA ASP A 33 4.77 24.64 8.61
C ASP A 33 6.11 23.93 8.58
N PRO A 34 6.35 23.14 7.53
CA PRO A 34 7.60 22.40 7.39
C PRO A 34 8.87 23.24 7.29
N ASP A 35 8.81 24.35 6.57
CA ASP A 35 10.00 25.19 6.39
C ASP A 35 10.30 26.28 7.44
N SER A 36 9.54 26.32 8.52
CA SER A 36 9.76 27.32 9.55
C SER A 36 10.95 26.95 10.43
N GLU A 37 11.55 27.94 11.10
CA GLU A 37 12.69 27.67 11.97
C GLU A 37 12.24 26.92 13.23
N GLN A 38 11.04 27.23 13.71
CA GLN A 38 10.51 26.59 14.89
C GLN A 38 10.27 25.11 14.68
N THR A 39 9.63 24.77 13.56
CA THR A 39 9.36 23.37 13.24
C THR A 39 10.62 22.53 13.15
N LYS A 40 11.59 23.03 12.38
CA LYS A 40 12.87 22.35 12.21
C LYS A 40 13.65 22.23 13.51
N ALA A 41 13.39 23.11 14.46
CA ALA A 41 14.09 23.08 15.74
C ALA A 41 13.44 21.99 16.55
N PHE A 42 12.12 21.89 16.40
CA PHE A 42 11.34 20.88 17.10
C PHE A 42 11.81 19.52 16.62
N VAL A 43 11.91 19.36 15.31
CA VAL A 43 12.35 18.10 14.72
C VAL A 43 13.74 17.68 15.17
N GLU A 44 14.72 18.57 14.99
CA GLU A 44 16.09 18.26 15.38
C GLU A 44 16.13 17.89 16.86
N ALA A 45 15.42 18.67 17.67
CA ALA A 45 15.35 18.47 19.10
C ALA A 45 14.82 17.09 19.52
N GLN A 46 13.85 16.56 18.79
CA GLN A 46 13.28 15.24 19.12
C GLN A 46 14.18 14.10 18.70
N ASN A 47 14.70 14.17 17.48
CA ASN A 47 15.61 13.14 16.97
C ASN A 47 16.90 13.19 17.81
N LYS A 48 17.10 14.31 18.51
CA LYS A 48 18.29 14.50 19.32
C LYS A 48 18.22 13.70 20.61
N ILE A 49 17.05 13.18 20.93
CA ILE A 49 16.91 12.41 22.16
C ILE A 49 16.50 10.98 21.85
N THR A 50 15.92 10.78 20.67
CA THR A 50 15.53 9.44 20.24
C THR A 50 16.71 8.68 19.67
N VAL A 51 17.47 9.28 18.76
CA VAL A 51 18.59 8.58 18.17
C VAL A 51 19.46 7.94 19.24
N PRO A 52 19.99 8.73 20.19
CA PRO A 52 20.82 8.11 21.23
C PRO A 52 20.05 6.96 21.86
N PHE A 53 18.90 7.28 22.43
CA PHE A 53 18.05 6.28 23.06
C PHE A 53 18.04 4.98 22.28
N LEU A 54 17.67 5.05 21.01
CA LEU A 54 17.62 3.84 20.19
C LEU A 54 18.97 3.14 20.09
N GLU A 55 20.05 3.93 20.03
CA GLU A 55 21.41 3.41 19.91
C GLU A 55 22.00 2.77 21.16
N GLN A 56 21.50 3.15 22.33
CA GLN A 56 22.00 2.62 23.59
C GLN A 56 21.63 1.15 23.83
N CYS A 57 20.71 0.61 23.06
CA CYS A 57 20.30 -0.79 23.21
C CYS A 57 21.24 -1.65 22.40
N PRO A 58 21.98 -2.55 23.06
CA PRO A 58 22.95 -3.45 22.41
C PRO A 58 22.33 -4.42 21.40
N ILE A 59 21.06 -4.78 21.62
CA ILE A 59 20.37 -5.69 20.74
C ILE A 59 20.25 -5.05 19.36
N ARG A 60 20.14 -3.73 19.35
CA ARG A 60 20.03 -3.01 18.09
C ARG A 60 21.15 -3.39 17.12
N GLY A 61 22.27 -3.83 17.66
CA GLY A 61 23.39 -4.22 16.82
C GLY A 61 23.32 -5.69 16.47
N LEU A 62 22.82 -6.49 17.39
CA LEU A 62 22.69 -7.91 17.16
C LEU A 62 21.63 -8.13 16.09
N TYR A 63 20.54 -7.35 16.18
CA TYR A 63 19.43 -7.43 15.23
C TYR A 63 19.90 -7.03 13.84
N LYS A 64 20.49 -5.84 13.76
CA LYS A 64 21.01 -5.28 12.51
C LYS A 64 21.99 -6.22 11.81
N GLU A 65 22.80 -6.92 12.59
CA GLU A 65 23.78 -7.86 12.02
C GLU A 65 23.08 -9.09 11.47
N ARG A 66 22.10 -9.58 12.20
CA ARG A 66 21.34 -10.76 11.78
C ARG A 66 20.44 -10.39 10.62
N MET A 67 20.09 -9.12 10.54
CA MET A 67 19.22 -8.65 9.47
C MET A 67 20.00 -8.65 8.15
N THR A 68 21.16 -8.01 8.15
CA THR A 68 21.99 -7.97 6.96
C THR A 68 22.15 -9.38 6.40
N GLU A 69 22.53 -10.30 7.27
CA GLU A 69 22.75 -11.68 6.86
C GLU A 69 21.50 -12.31 6.25
N LEU A 70 20.49 -12.53 7.09
CA LEU A 70 19.24 -13.15 6.65
C LEU A 70 18.53 -12.46 5.49
N TYR A 71 18.58 -11.13 5.43
CA TYR A 71 17.93 -10.42 4.34
C TYR A 71 18.80 -10.43 3.08
N ASP A 72 20.00 -10.97 3.20
CA ASP A 72 20.95 -11.02 2.10
C ASP A 72 20.72 -12.24 1.23
N TYR A 73 19.52 -12.32 0.65
CA TYR A 73 19.17 -13.43 -0.22
C TYR A 73 18.58 -12.88 -1.51
N PRO A 74 18.74 -13.63 -2.62
CA PRO A 74 18.27 -13.30 -3.98
C PRO A 74 16.77 -13.06 -4.12
N LYS A 75 16.39 -11.80 -4.34
CA LYS A 75 14.97 -11.46 -4.51
C LYS A 75 14.67 -11.38 -6.00
N TYR A 76 13.69 -12.15 -6.45
CA TYR A 76 13.31 -12.23 -7.86
C TYR A 76 11.87 -11.85 -8.21
N SER A 77 11.69 -11.28 -9.40
CA SER A 77 10.35 -10.91 -9.87
C SER A 77 9.96 -11.88 -11.00
N CYS A 78 8.68 -11.92 -11.35
CA CYS A 78 8.24 -12.83 -12.39
C CYS A 78 8.82 -12.39 -13.72
N HIS A 79 9.21 -13.35 -14.55
CA HIS A 79 9.72 -13.03 -15.87
C HIS A 79 8.45 -12.54 -16.57
N PHE A 80 8.59 -11.61 -17.51
CA PHE A 80 7.43 -11.15 -18.24
C PHE A 80 7.89 -10.70 -19.60
N LYS A 81 7.26 -11.25 -20.63
CA LYS A 81 7.62 -10.94 -22.01
C LYS A 81 6.92 -9.75 -22.65
N LYS A 82 7.74 -8.84 -23.16
CA LYS A 82 7.23 -7.67 -23.85
C LYS A 82 7.89 -7.75 -25.22
N GLY A 83 7.08 -7.82 -26.26
CA GLY A 83 7.64 -7.91 -27.60
C GLY A 83 8.32 -9.24 -27.84
N LYS A 84 9.60 -9.18 -28.20
CA LYS A 84 10.40 -10.36 -28.48
C LYS A 84 11.43 -10.65 -27.40
N ARG A 85 11.39 -9.89 -26.30
CA ARG A 85 12.36 -10.08 -25.23
C ARG A 85 11.66 -10.39 -23.92
N TYR A 86 12.42 -11.00 -23.02
CA TYR A 86 11.93 -11.35 -21.69
C TYR A 86 12.45 -10.30 -20.72
N PHE A 87 11.77 -10.16 -19.58
CA PHE A 87 12.18 -9.19 -18.58
C PHE A 87 11.91 -9.70 -17.16
N TYR A 88 12.65 -9.19 -16.19
CA TYR A 88 12.44 -9.55 -14.79
C TYR A 88 13.28 -8.65 -13.89
N PHE A 89 12.77 -8.36 -12.70
CA PHE A 89 13.52 -7.53 -11.76
C PHE A 89 14.26 -8.51 -10.89
N TYR A 90 15.45 -8.14 -10.43
CA TYR A 90 16.25 -9.06 -9.62
C TYR A 90 17.18 -8.32 -8.67
N ASN A 91 17.22 -8.74 -7.41
CA ASN A 91 18.11 -8.14 -6.42
C ASN A 91 19.00 -9.28 -5.96
N THR A 92 20.31 -9.10 -6.14
CA THR A 92 21.26 -10.11 -5.78
C THR A 92 21.34 -10.36 -4.29
N GLY A 93 20.63 -9.57 -3.50
CA GLY A 93 20.66 -9.75 -2.06
C GLY A 93 20.54 -8.54 -1.16
N LEU A 94 21.51 -7.63 -1.22
CA LEU A 94 21.45 -6.43 -0.38
C LEU A 94 21.57 -5.16 -1.21
N GLN A 95 21.26 -5.24 -2.50
CA GLN A 95 21.35 -4.07 -3.36
C GLN A 95 20.25 -3.09 -2.97
N ASN A 96 20.58 -1.81 -2.94
CA ASN A 96 19.60 -0.80 -2.56
C ASN A 96 18.25 -0.90 -3.28
N GLN A 97 18.24 -0.86 -4.62
CA GLN A 97 17.01 -0.95 -5.38
C GLN A 97 17.09 -2.09 -6.39
N ARG A 98 15.95 -2.75 -6.67
CA ARG A 98 15.94 -3.86 -7.62
C ARG A 98 16.31 -3.36 -9.02
N VAL A 99 16.91 -4.25 -9.81
CA VAL A 99 17.36 -3.94 -11.16
C VAL A 99 16.48 -4.63 -12.20
N LEU A 100 16.43 -4.05 -13.40
CA LEU A 100 15.64 -4.61 -14.49
C LEU A 100 16.57 -5.22 -15.54
N TYR A 101 16.52 -6.54 -15.67
CA TYR A 101 17.35 -7.27 -16.62
C TYR A 101 16.50 -7.66 -17.84
N VAL A 102 17.16 -7.93 -18.96
CA VAL A 102 16.47 -8.29 -20.18
C VAL A 102 17.19 -9.43 -20.86
N GLN A 103 16.44 -10.27 -21.58
CA GLN A 103 17.03 -11.37 -22.33
C GLN A 103 16.22 -11.61 -23.58
N ASP A 104 16.91 -11.99 -24.63
CA ASP A 104 16.28 -12.23 -25.91
C ASP A 104 15.61 -13.59 -25.94
N SER A 105 15.90 -14.40 -24.92
CA SER A 105 15.30 -15.72 -24.86
C SER A 105 15.40 -16.30 -23.46
N LEU A 106 14.30 -16.90 -23.01
CA LEU A 106 14.22 -17.51 -21.69
C LEU A 106 15.47 -18.32 -21.34
N GLU A 107 16.25 -18.68 -22.36
CA GLU A 107 17.45 -19.49 -22.17
C GLU A 107 18.77 -18.74 -22.41
N GLY A 108 18.68 -17.53 -22.96
CA GLY A 108 19.88 -16.76 -23.22
C GLY A 108 20.43 -16.04 -22.00
N GLU A 109 21.64 -15.50 -22.14
CA GLU A 109 22.27 -14.77 -21.05
C GLU A 109 21.47 -13.48 -20.91
N ALA A 110 21.38 -12.95 -19.70
CA ALA A 110 20.63 -11.73 -19.47
C ALA A 110 21.49 -10.58 -19.01
N ARG A 111 21.26 -9.42 -19.61
CA ARG A 111 22.00 -8.20 -19.27
C ARG A 111 21.14 -7.20 -18.48
N VAL A 112 21.80 -6.18 -17.96
CA VAL A 112 21.13 -5.13 -17.19
C VAL A 112 20.44 -4.18 -18.16
N PHE A 113 19.16 -3.93 -17.93
CA PHE A 113 18.43 -3.03 -18.81
C PHE A 113 18.17 -1.71 -18.13
N LEU A 114 18.05 -1.74 -16.80
CA LEU A 114 17.80 -0.54 -16.02
C LEU A 114 18.27 -0.74 -14.59
N ASP A 115 19.32 -0.01 -14.21
CA ASP A 115 19.86 -0.10 -12.87
C ASP A 115 19.70 1.23 -12.13
N PRO A 116 18.60 1.40 -11.39
CA PRO A 116 18.35 2.64 -10.63
C PRO A 116 19.40 2.93 -9.58
N ASN A 117 20.22 1.92 -9.28
CA ASN A 117 21.24 2.05 -8.27
C ASN A 117 22.35 3.05 -8.59
N ILE A 118 22.50 3.41 -9.85
CA ILE A 118 23.57 4.33 -10.23
C ILE A 118 23.14 5.78 -10.26
N LEU A 119 21.89 6.04 -9.91
CA LEU A 119 21.38 7.40 -9.94
C LEU A 119 21.44 8.11 -8.60
N SER A 120 21.88 7.41 -7.56
CA SER A 120 21.95 8.02 -6.25
C SER A 120 22.81 7.21 -5.28
N ASP A 121 23.90 7.82 -4.81
CA ASP A 121 24.80 7.14 -3.91
C ASP A 121 24.11 6.44 -2.73
N ASP A 122 22.92 6.90 -2.34
CA ASP A 122 22.21 6.29 -1.23
C ASP A 122 20.86 5.60 -1.53
N GLY A 123 20.64 5.25 -2.79
CA GLY A 123 19.41 4.58 -3.17
C GLY A 123 18.11 5.31 -3.01
N THR A 124 18.13 6.62 -2.82
CA THR A 124 16.90 7.39 -2.66
C THR A 124 16.22 7.84 -3.95
N VAL A 125 16.62 7.30 -5.10
CA VAL A 125 15.96 7.65 -6.36
C VAL A 125 15.44 6.31 -6.82
N ALA A 126 14.14 6.23 -7.05
CA ALA A 126 13.58 4.94 -7.40
C ALA A 126 12.53 4.90 -8.49
N LEU A 127 12.60 3.83 -9.28
CA LEU A 127 11.66 3.61 -10.35
C LEU A 127 10.27 3.45 -9.77
N ARG A 128 9.31 4.19 -10.31
CA ARG A 128 7.93 4.08 -9.85
C ARG A 128 7.03 4.15 -11.08
N GLY A 129 6.59 3.00 -11.55
CA GLY A 129 5.72 2.96 -12.72
C GLY A 129 6.54 2.76 -13.97
N TYR A 130 6.03 1.97 -14.90
CA TYR A 130 6.74 1.75 -16.15
C TYR A 130 5.75 1.19 -17.14
N ALA A 131 5.99 1.47 -18.42
CA ALA A 131 5.09 1.02 -19.46
C ALA A 131 5.83 0.83 -20.77
N PHE A 132 5.66 -0.34 -21.37
CA PHE A 132 6.30 -0.67 -22.64
C PHE A 132 5.35 -0.37 -23.79
N SER A 133 5.89 -0.10 -24.97
CA SER A 133 5.05 0.18 -26.13
C SER A 133 4.41 -1.15 -26.49
N GLU A 134 3.47 -1.15 -27.42
CA GLU A 134 2.83 -2.40 -27.76
C GLU A 134 3.87 -3.31 -28.40
N ASP A 135 4.69 -2.75 -29.28
CA ASP A 135 5.73 -3.53 -29.95
C ASP A 135 6.91 -3.88 -29.03
N GLY A 136 6.98 -3.27 -27.86
CA GLY A 136 8.05 -3.55 -26.92
C GLY A 136 9.40 -2.96 -27.29
N GLU A 137 9.37 -2.01 -28.21
CA GLU A 137 10.60 -1.38 -28.69
C GLU A 137 10.95 -0.08 -27.97
N TYR A 138 10.01 0.42 -27.18
CA TYR A 138 10.23 1.64 -26.42
C TYR A 138 9.72 1.47 -24.98
N PHE A 139 10.48 2.05 -24.05
CA PHE A 139 10.21 1.95 -22.62
C PHE A 139 10.08 3.32 -21.97
N ALA A 140 9.13 3.46 -21.06
CA ALA A 140 8.90 4.71 -20.34
C ALA A 140 8.88 4.39 -18.86
N TYR A 141 9.56 5.21 -18.06
CA TYR A 141 9.61 5.01 -16.62
C TYR A 141 9.63 6.29 -15.79
N GLY A 142 9.00 6.23 -14.63
CA GLY A 142 8.98 7.38 -13.75
C GLY A 142 9.90 7.10 -12.58
N LEU A 143 10.55 8.13 -12.06
CA LEU A 143 11.43 7.95 -10.92
C LEU A 143 11.02 8.95 -9.84
N SER A 144 10.95 8.48 -8.59
CA SER A 144 10.57 9.33 -7.45
C SER A 144 11.75 9.57 -6.53
N ALA A 145 12.11 10.84 -6.33
CA ALA A 145 13.24 11.16 -5.47
C ALA A 145 12.90 11.34 -4.00
N SER A 146 13.72 10.78 -3.13
CA SER A 146 13.54 10.91 -1.71
C SER A 146 12.23 10.40 -1.16
N GLY A 147 11.55 9.52 -1.88
CA GLY A 147 10.31 8.98 -1.37
C GLY A 147 9.06 9.74 -1.71
N SER A 148 9.19 10.83 -2.47
CA SER A 148 8.02 11.61 -2.83
C SER A 148 7.10 10.82 -3.75
N ASP A 149 5.86 11.30 -3.89
CA ASP A 149 4.86 10.69 -4.76
C ASP A 149 5.07 11.33 -6.13
N TRP A 150 5.63 12.54 -6.11
CA TRP A 150 5.92 13.29 -7.33
C TRP A 150 6.84 12.41 -8.15
N VAL A 151 6.61 12.38 -9.46
CA VAL A 151 7.39 11.54 -10.37
C VAL A 151 7.85 12.32 -11.59
N THR A 152 8.81 11.74 -12.31
CA THR A 152 9.38 12.29 -13.53
C THR A 152 9.54 11.15 -14.51
N ILE A 153 8.86 11.23 -15.65
CA ILE A 153 8.97 10.17 -16.62
C ILE A 153 10.01 10.45 -17.66
N LYS A 154 10.87 9.46 -17.86
CA LYS A 154 11.94 9.52 -18.83
C LYS A 154 11.61 8.43 -19.84
N PHE A 155 12.34 8.38 -20.95
CA PHE A 155 12.12 7.38 -22.00
C PHE A 155 13.42 6.71 -22.43
N MET A 156 13.31 5.46 -22.88
CA MET A 156 14.48 4.66 -23.31
C MET A 156 14.12 3.82 -24.53
N LYS A 157 15.10 3.51 -25.36
CA LYS A 157 14.87 2.69 -26.54
C LYS A 157 15.35 1.29 -26.15
N VAL A 158 14.41 0.37 -26.01
CA VAL A 158 14.76 -0.98 -25.60
C VAL A 158 16.02 -1.52 -26.24
N ASP A 159 16.10 -1.43 -27.56
CA ASP A 159 17.26 -1.95 -28.29
C ASP A 159 18.54 -1.18 -28.03
N GLY A 160 19.42 -1.79 -27.24
CA GLY A 160 20.67 -1.15 -26.91
C GLY A 160 20.49 -0.21 -25.75
N ALA A 161 19.32 -0.25 -25.12
CA ALA A 161 19.00 0.61 -23.98
C ALA A 161 19.39 2.08 -24.22
N LYS A 162 18.70 2.75 -25.13
CA LYS A 162 19.04 4.14 -25.41
C LYS A 162 18.22 5.15 -24.62
N GLU A 163 18.92 6.17 -24.13
CA GLU A 163 18.26 7.21 -23.38
C GLU A 163 17.76 8.23 -24.38
N LEU A 164 16.52 8.67 -24.21
CA LEU A 164 15.95 9.66 -25.11
C LEU A 164 15.90 11.00 -24.38
N PRO A 165 15.83 12.11 -25.13
CA PRO A 165 15.77 13.43 -24.51
C PRO A 165 14.42 13.69 -23.85
N ASP A 166 13.43 12.87 -24.19
CA ASP A 166 12.08 13.05 -23.64
C ASP A 166 12.08 13.04 -22.13
N VAL A 167 11.35 13.97 -21.54
CA VAL A 167 11.23 14.10 -20.09
C VAL A 167 9.94 14.81 -19.77
N LEU A 168 9.19 14.27 -18.82
CA LEU A 168 7.90 14.82 -18.40
C LEU A 168 7.90 15.13 -16.90
N GLU A 169 7.60 16.38 -16.54
CA GLU A 169 7.59 16.79 -15.13
C GLU A 169 6.20 17.07 -14.57
N ARG A 170 6.13 17.18 -13.24
CA ARG A 170 4.88 17.46 -12.52
C ARG A 170 3.85 16.33 -12.56
N VAL A 171 4.36 15.11 -12.63
CA VAL A 171 3.51 13.93 -12.68
C VAL A 171 3.29 13.32 -11.29
N LYS A 172 2.05 12.97 -11.00
CA LYS A 172 1.71 12.39 -9.72
C LYS A 172 0.50 11.52 -9.95
N PHE A 173 0.41 10.40 -9.22
CA PHE A 173 -0.71 9.47 -9.35
C PHE A 173 -1.20 9.39 -10.79
N SER A 174 -0.29 9.11 -11.72
CA SER A 174 -0.66 9.06 -13.13
C SER A 174 -0.59 7.67 -13.77
N CYS A 175 -1.34 7.55 -14.86
CA CYS A 175 -1.41 6.33 -15.64
C CYS A 175 -0.29 6.45 -16.64
N MET A 176 -0.16 5.45 -17.49
CA MET A 176 0.87 5.42 -18.53
C MET A 176 0.37 4.43 -19.57
N ALA A 177 -0.11 4.93 -20.69
CA ALA A 177 -0.65 4.08 -21.74
C ALA A 177 -0.21 4.50 -23.13
N TRP A 178 0.49 3.60 -23.82
CA TRP A 178 0.97 3.86 -25.15
C TRP A 178 -0.08 3.54 -26.19
N THR A 179 -0.29 4.42 -27.14
CA THR A 179 -1.23 4.10 -28.18
C THR A 179 -0.53 2.98 -28.96
N HIS A 180 -1.30 2.13 -29.61
CA HIS A 180 -0.73 1.02 -30.36
C HIS A 180 -0.02 1.49 -31.63
N ASP A 181 -0.18 2.76 -31.98
CA ASP A 181 0.50 3.27 -33.17
C ASP A 181 1.92 3.63 -32.78
N GLY A 182 2.21 3.48 -31.48
CA GLY A 182 3.52 3.78 -30.95
C GLY A 182 3.94 5.22 -31.10
N LYS A 183 2.97 6.09 -31.37
CA LYS A 183 3.27 7.50 -31.57
C LYS A 183 3.50 8.27 -30.26
N GLY A 184 2.77 7.94 -29.20
CA GLY A 184 2.97 8.64 -27.95
C GLY A 184 2.40 7.90 -26.75
N MET A 185 2.27 8.61 -25.63
CA MET A 185 1.76 8.01 -24.41
C MET A 185 0.81 8.92 -23.62
N PHE A 186 -0.19 8.32 -22.98
CA PHE A 186 -1.16 9.05 -22.15
C PHE A 186 -0.58 9.10 -20.76
N TYR A 187 -0.72 10.24 -20.08
CA TYR A 187 -0.20 10.37 -18.73
C TYR A 187 -0.96 11.48 -18.03
N ASN A 188 -0.80 11.57 -16.72
CA ASN A 188 -1.48 12.61 -15.95
C ASN A 188 -0.46 13.57 -15.34
N ALA A 189 -0.83 14.85 -15.26
CA ALA A 189 0.02 15.88 -14.67
C ALA A 189 -0.86 16.88 -13.95
N TYR A 190 -0.27 17.64 -13.05
CA TYR A 190 -1.03 18.63 -12.29
C TYR A 190 -0.67 20.04 -12.74
N PRO A 191 -1.49 21.03 -12.37
CA PRO A 191 -1.21 22.41 -12.77
C PRO A 191 -0.03 22.97 -11.98
N GLN A 192 0.78 23.79 -12.64
CA GLN A 192 1.94 24.40 -11.98
C GLN A 192 1.48 25.25 -10.79
N GLN A 193 1.58 24.68 -9.59
CA GLN A 193 1.18 25.38 -8.38
C GLN A 193 2.32 26.23 -7.84
N ASP A 194 1.96 27.30 -7.13
CA ASP A 194 2.95 28.19 -6.53
C ASP A 194 3.50 27.54 -5.26
N GLY A 195 4.81 27.58 -5.10
CA GLY A 195 5.44 26.99 -3.93
C GLY A 195 6.43 25.90 -4.32
N LYS A 196 6.57 24.89 -3.46
CA LYS A 196 7.48 23.78 -3.72
C LYS A 196 6.74 22.57 -4.29
N SER A 197 7.50 21.66 -4.89
CA SER A 197 6.91 20.47 -5.49
C SER A 197 7.95 19.34 -5.48
N ASP A 198 8.45 19.02 -4.30
CA ASP A 198 9.46 17.98 -4.16
C ASP A 198 9.10 16.94 -3.11
N GLY A 199 7.93 17.08 -2.51
CA GLY A 199 7.50 16.13 -1.50
C GLY A 199 7.54 16.67 -0.08
N THR A 200 8.07 17.88 0.10
CA THR A 200 8.15 18.49 1.43
C THR A 200 6.96 19.45 1.66
N GLU A 201 6.23 19.77 0.59
CA GLU A 201 5.10 20.66 0.69
C GLU A 201 3.89 19.89 1.18
N THR A 202 2.81 20.61 1.46
CA THR A 202 1.57 20.01 1.92
C THR A 202 0.41 20.49 1.07
N SER A 203 0.69 21.41 0.16
CA SER A 203 -0.36 21.93 -0.71
C SER A 203 -1.28 20.78 -1.15
N THR A 204 -2.56 21.07 -1.31
CA THR A 204 -3.53 20.06 -1.73
C THR A 204 -3.32 19.84 -3.21
N ASN A 205 -3.80 18.69 -3.69
CA ASN A 205 -3.66 18.34 -5.09
C ASN A 205 -5.00 18.23 -5.78
N LEU A 206 -5.26 19.18 -6.68
CA LEU A 206 -6.52 19.20 -7.40
C LEU A 206 -6.32 19.59 -8.86
N HIS A 207 -7.31 19.25 -9.68
CA HIS A 207 -7.27 19.59 -11.09
C HIS A 207 -6.28 18.79 -11.89
N GLN A 208 -6.18 17.51 -11.57
CA GLN A 208 -5.29 16.62 -12.29
C GLN A 208 -5.86 16.42 -13.68
N LYS A 209 -5.02 16.55 -14.69
CA LYS A 209 -5.50 16.39 -16.06
C LYS A 209 -4.87 15.21 -16.78
N LEU A 210 -5.45 14.87 -17.92
CA LEU A 210 -4.94 13.79 -18.75
C LEU A 210 -4.34 14.50 -19.95
N TYR A 211 -3.08 14.21 -20.23
CA TYR A 211 -2.35 14.80 -21.36
C TYR A 211 -1.85 13.64 -22.19
N TYR A 212 -1.41 13.92 -23.41
CA TYR A 212 -0.89 12.88 -24.29
C TYR A 212 0.49 13.25 -24.89
N HIS A 213 1.55 12.62 -24.41
CA HIS A 213 2.88 12.95 -24.92
C HIS A 213 3.26 12.23 -26.20
N VAL A 214 3.57 13.02 -27.22
CA VAL A 214 3.98 12.51 -28.53
C VAL A 214 5.50 12.43 -28.56
N LEU A 215 6.02 11.21 -28.54
CA LEU A 215 7.46 10.96 -28.55
C LEU A 215 8.23 11.86 -29.50
N GLY A 216 9.33 12.44 -29.02
CA GLY A 216 10.14 13.32 -29.84
C GLY A 216 9.81 14.80 -29.69
N THR A 217 8.82 15.13 -28.89
CA THR A 217 8.44 16.53 -28.69
C THR A 217 8.67 17.03 -27.27
N ASP A 218 8.50 18.33 -27.08
CA ASP A 218 8.68 18.93 -25.76
C ASP A 218 7.38 18.73 -25.00
N GLN A 219 7.47 18.60 -23.68
CA GLN A 219 6.26 18.40 -22.90
C GLN A 219 5.33 19.58 -23.11
N SER A 220 5.90 20.76 -23.33
CA SER A 220 5.10 21.95 -23.53
C SER A 220 4.15 21.83 -24.72
N GLU A 221 4.42 20.90 -25.62
CA GLU A 221 3.56 20.75 -26.78
C GLU A 221 2.53 19.64 -26.61
N ASP A 222 2.49 19.02 -25.44
CA ASP A 222 1.56 17.93 -25.17
C ASP A 222 0.12 18.29 -25.34
N ILE A 223 -0.67 17.29 -25.73
CA ILE A 223 -2.10 17.42 -25.97
C ILE A 223 -2.96 17.03 -24.78
N LEU A 224 -3.58 18.03 -24.15
CA LEU A 224 -4.47 17.79 -23.02
C LEU A 224 -5.67 17.08 -23.60
N CYS A 225 -5.96 15.87 -23.12
CA CYS A 225 -7.07 15.06 -23.62
C CYS A 225 -8.33 15.00 -22.76
N ALA A 226 -8.26 15.48 -21.53
CA ALA A 226 -9.44 15.42 -20.67
C ALA A 226 -9.21 16.19 -19.39
N GLU A 227 -10.26 16.88 -18.96
CA GLU A 227 -10.17 17.65 -17.76
C GLU A 227 -11.58 17.84 -17.25
N PHE A 228 -11.69 18.03 -15.94
CA PHE A 228 -12.97 18.23 -15.29
C PHE A 228 -12.79 19.46 -14.42
N PRO A 229 -12.83 20.66 -15.05
CA PRO A 229 -12.65 21.94 -14.35
C PRO A 229 -13.71 22.24 -13.31
N ASP A 230 -14.85 21.56 -13.40
CA ASP A 230 -15.93 21.77 -12.45
C ASP A 230 -15.78 20.80 -11.30
N GLU A 231 -14.80 19.90 -11.42
CA GLU A 231 -14.54 18.88 -10.40
C GLU A 231 -13.05 18.71 -10.07
N PRO A 232 -12.54 19.50 -9.12
CA PRO A 232 -11.14 19.45 -8.70
C PRO A 232 -10.61 18.11 -8.20
N LYS A 233 -11.50 17.21 -7.80
CA LYS A 233 -11.07 15.92 -7.27
C LYS A 233 -11.01 14.74 -8.23
N TRP A 234 -11.80 14.78 -9.29
CA TRP A 234 -11.81 13.68 -10.24
C TRP A 234 -10.42 13.46 -10.81
N MET A 235 -10.08 12.19 -10.94
CA MET A 235 -8.80 11.76 -11.49
C MET A 235 -9.10 10.63 -12.46
N GLY A 236 -8.84 10.86 -13.73
CA GLY A 236 -9.13 9.83 -14.72
C GLY A 236 -7.88 9.21 -15.33
N GLY A 237 -7.80 7.89 -15.23
CA GLY A 237 -6.67 7.20 -15.80
C GLY A 237 -7.13 6.60 -17.10
N ALA A 238 -6.23 6.38 -18.04
CA ALA A 238 -6.65 5.82 -19.32
C ALA A 238 -5.86 4.57 -19.64
N GLU A 239 -6.36 3.83 -20.62
CA GLU A 239 -5.71 2.61 -21.07
C GLU A 239 -6.37 2.16 -22.36
N LEU A 240 -5.62 1.45 -23.20
CA LEU A 240 -6.16 0.97 -24.46
C LEU A 240 -6.69 -0.45 -24.38
N SER A 241 -7.74 -0.71 -25.14
CA SER A 241 -8.33 -2.04 -25.21
C SER A 241 -7.20 -2.88 -25.79
N ASP A 242 -7.35 -4.21 -25.72
CA ASP A 242 -6.33 -5.10 -26.23
C ASP A 242 -6.06 -4.83 -27.70
N ASP A 243 -7.11 -4.61 -28.48
CA ASP A 243 -6.94 -4.36 -29.91
C ASP A 243 -6.44 -2.95 -30.17
N GLY A 244 -6.22 -2.19 -29.09
CA GLY A 244 -5.72 -0.83 -29.20
C GLY A 244 -6.58 0.15 -29.98
N ARG A 245 -7.89 -0.09 -30.02
CA ARG A 245 -8.81 0.78 -30.75
C ARG A 245 -9.59 1.71 -29.83
N TYR A 246 -9.84 1.25 -28.61
CA TYR A 246 -10.57 2.04 -27.64
C TYR A 246 -9.64 2.53 -26.53
N VAL A 247 -10.00 3.66 -25.95
CA VAL A 247 -9.24 4.22 -24.85
C VAL A 247 -10.25 4.26 -23.72
N LEU A 248 -10.02 3.43 -22.71
CA LEU A 248 -10.94 3.37 -21.60
C LEU A 248 -10.44 4.31 -20.51
N LEU A 249 -11.23 5.33 -20.19
CA LEU A 249 -10.89 6.29 -19.15
C LEU A 249 -11.68 5.95 -17.87
N SER A 250 -10.95 5.67 -16.79
CA SER A 250 -11.58 5.33 -15.52
C SER A 250 -11.51 6.56 -14.62
N ILE A 251 -12.66 7.12 -14.28
CA ILE A 251 -12.69 8.32 -13.46
C ILE A 251 -12.95 8.02 -11.99
N ARG A 252 -11.97 8.38 -11.16
CA ARG A 252 -12.03 8.16 -9.73
C ARG A 252 -12.23 9.47 -8.99
N GLU A 253 -12.75 9.35 -7.78
CA GLU A 253 -13.01 10.47 -6.90
C GLU A 253 -13.05 9.81 -5.52
N GLY A 254 -11.94 9.84 -4.80
CA GLY A 254 -11.93 9.19 -3.50
C GLY A 254 -11.32 7.82 -3.67
N CYS A 255 -11.07 7.12 -2.56
CA CYS A 255 -10.45 5.80 -2.64
C CYS A 255 -11.37 4.61 -2.74
N ASP A 256 -12.65 4.82 -2.98
CA ASP A 256 -13.56 3.69 -3.05
C ASP A 256 -13.41 2.89 -4.31
N PRO A 257 -13.80 1.60 -4.26
CA PRO A 257 -13.72 0.70 -5.42
C PRO A 257 -14.89 0.98 -6.35
N VAL A 258 -15.01 2.24 -6.76
CA VAL A 258 -16.06 2.64 -7.69
C VAL A 258 -15.44 3.66 -8.62
N ASN A 259 -15.86 3.65 -9.88
CA ASN A 259 -15.32 4.58 -10.86
C ASN A 259 -16.33 4.87 -11.96
N ARG A 260 -15.92 5.68 -12.92
CA ARG A 260 -16.74 6.05 -14.07
C ARG A 260 -16.06 5.44 -15.30
N LEU A 261 -16.82 5.01 -16.29
CA LEU A 261 -16.20 4.43 -17.46
C LEU A 261 -16.63 5.17 -18.71
N TRP A 262 -15.71 5.98 -19.24
CA TRP A 262 -15.93 6.74 -20.47
C TRP A 262 -15.00 6.09 -21.50
N TYR A 263 -15.42 6.08 -22.77
CA TYR A 263 -14.61 5.49 -23.83
C TYR A 263 -14.60 6.35 -25.07
N CYS A 264 -13.56 6.16 -25.88
CA CYS A 264 -13.41 6.91 -27.12
C CYS A 264 -12.86 5.97 -28.20
N ASP A 265 -13.63 5.84 -29.29
CA ASP A 265 -13.28 5.00 -30.43
C ASP A 265 -12.15 5.69 -31.23
N LEU A 266 -10.91 5.35 -30.91
CA LEU A 266 -9.81 6.00 -31.61
C LEU A 266 -10.06 6.10 -33.10
N GLN A 267 -10.73 5.09 -33.65
CA GLN A 267 -11.03 5.05 -35.08
C GLN A 267 -12.11 6.04 -35.50
N GLN A 268 -12.58 6.87 -34.57
CA GLN A 268 -13.63 7.82 -34.90
C GLN A 268 -13.13 9.27 -34.84
N GLU A 269 -11.87 9.44 -34.44
CA GLU A 269 -11.27 10.76 -34.31
C GLU A 269 -11.01 11.35 -35.69
N SER A 270 -11.70 12.45 -35.97
CA SER A 270 -11.57 13.15 -37.24
C SER A 270 -10.17 13.01 -37.84
N ASN A 271 -9.14 13.20 -37.02
CA ASN A 271 -7.79 13.08 -37.54
C ASN A 271 -6.70 13.00 -36.46
N GLY A 272 -6.71 11.91 -35.71
CA GLY A 272 -5.73 11.71 -34.67
C GLY A 272 -6.16 12.27 -33.33
N ILE A 273 -5.24 12.27 -32.38
CA ILE A 273 -5.50 12.81 -31.05
C ILE A 273 -4.98 14.24 -31.11
N THR A 274 -5.88 15.19 -31.30
CA THR A 274 -5.48 16.59 -31.39
C THR A 274 -6.02 17.47 -30.26
N GLY A 275 -6.71 16.89 -29.30
CA GLY A 275 -7.24 17.67 -28.19
C GLY A 275 -8.24 16.91 -27.32
N ILE A 276 -9.22 17.61 -26.77
CA ILE A 276 -10.20 16.92 -25.95
C ILE A 276 -10.84 15.87 -26.83
N LEU A 277 -10.98 14.66 -26.29
CA LEU A 277 -11.56 13.56 -27.06
C LEU A 277 -13.08 13.45 -27.03
N LYS A 278 -13.61 12.76 -28.03
CA LYS A 278 -15.05 12.56 -28.13
C LYS A 278 -15.33 11.35 -27.26
N TRP A 279 -15.40 11.61 -25.95
CA TRP A 279 -15.66 10.57 -24.97
C TRP A 279 -17.13 10.21 -25.02
N VAL A 280 -17.40 8.91 -24.90
CA VAL A 280 -18.75 8.38 -24.89
C VAL A 280 -18.93 7.93 -23.45
N LYS A 281 -19.88 8.54 -22.74
CA LYS A 281 -20.09 8.22 -21.33
C LYS A 281 -20.88 6.95 -21.03
N LEU A 282 -20.16 5.84 -20.93
CA LEU A 282 -20.81 4.57 -20.66
C LEU A 282 -21.36 4.56 -19.24
N ILE A 283 -20.53 4.20 -18.27
CA ILE A 283 -20.97 4.19 -16.89
C ILE A 283 -20.66 5.57 -16.34
N ASP A 284 -21.67 6.43 -16.30
CA ASP A 284 -21.51 7.80 -15.85
C ASP A 284 -21.89 8.03 -14.38
N ASN A 285 -21.54 7.10 -13.52
CA ASN A 285 -21.85 7.22 -12.10
C ASN A 285 -20.86 6.46 -11.26
N PHE A 286 -20.79 6.83 -9.99
CA PHE A 286 -19.89 6.23 -9.02
C PHE A 286 -20.49 5.08 -8.21
N GLU A 287 -21.41 4.32 -8.79
CA GLU A 287 -22.05 3.23 -8.04
C GLU A 287 -21.36 1.88 -8.08
N GLY A 288 -20.36 1.72 -8.94
CA GLY A 288 -19.69 0.44 -9.01
C GLY A 288 -18.32 0.50 -9.62
N GLU A 289 -17.57 -0.58 -9.42
CA GLU A 289 -16.23 -0.72 -9.94
C GLU A 289 -16.33 -1.48 -11.25
N TYR A 290 -15.63 -0.99 -12.27
CA TYR A 290 -15.63 -1.61 -13.58
C TYR A 290 -14.18 -1.74 -14.00
N ASP A 291 -13.68 -2.96 -14.00
CA ASP A 291 -12.28 -3.24 -14.33
C ASP A 291 -12.10 -3.97 -15.67
N TYR A 292 -11.57 -3.26 -16.65
CA TYR A 292 -11.37 -3.82 -17.97
C TYR A 292 -10.46 -5.05 -17.90
N VAL A 293 -10.94 -6.20 -18.38
CA VAL A 293 -10.16 -7.43 -18.36
C VAL A 293 -9.61 -7.59 -19.78
N THR A 294 -10.53 -7.71 -20.73
CA THR A 294 -10.21 -7.82 -22.16
C THR A 294 -11.47 -7.50 -22.95
N ASN A 295 -11.38 -7.54 -24.27
CA ASN A 295 -12.54 -7.27 -25.11
C ASN A 295 -12.43 -8.00 -26.41
N GLU A 296 -13.56 -8.43 -26.95
CA GLU A 296 -13.62 -9.14 -28.22
C GLU A 296 -14.61 -8.35 -29.05
N GLY A 297 -14.12 -7.45 -29.89
CA GLY A 297 -15.02 -6.67 -30.70
C GLY A 297 -15.61 -5.55 -29.87
N THR A 298 -16.93 -5.41 -29.88
CA THR A 298 -17.52 -4.36 -29.08
C THR A 298 -17.75 -4.92 -27.69
N VAL A 299 -17.76 -6.24 -27.57
CA VAL A 299 -17.99 -6.88 -26.29
C VAL A 299 -16.81 -6.77 -25.34
N PHE A 300 -16.98 -5.92 -24.33
CA PHE A 300 -15.96 -5.68 -23.32
C PHE A 300 -16.30 -6.43 -22.06
N THR A 301 -15.32 -7.09 -21.47
CA THR A 301 -15.51 -7.83 -20.22
C THR A 301 -14.84 -7.05 -19.08
N PHE A 302 -15.57 -6.82 -17.98
CA PHE A 302 -15.06 -6.08 -16.81
C PHE A 302 -15.32 -6.70 -15.45
N LYS A 303 -14.34 -6.65 -14.57
CA LYS A 303 -14.53 -7.15 -13.22
C LYS A 303 -15.32 -6.02 -12.57
N THR A 304 -16.44 -6.35 -11.94
CA THR A 304 -17.27 -5.34 -11.29
C THR A 304 -17.67 -5.79 -9.88
N ASN A 305 -18.32 -4.88 -9.14
CA ASN A 305 -18.80 -5.17 -7.79
C ASN A 305 -20.19 -4.52 -7.76
N ARG A 306 -20.74 -4.31 -8.94
CA ARG A 306 -22.05 -3.71 -9.05
C ARG A 306 -23.09 -4.72 -8.57
N HIS A 307 -23.49 -4.58 -7.31
CA HIS A 307 -24.47 -5.49 -6.73
C HIS A 307 -23.73 -6.81 -6.51
N SER A 308 -22.43 -6.69 -6.32
CA SER A 308 -21.58 -7.85 -6.11
C SER A 308 -20.47 -7.52 -5.12
N PRO A 309 -20.79 -7.56 -3.81
CA PRO A 309 -19.82 -7.26 -2.75
C PRO A 309 -18.52 -8.04 -2.84
N ASN A 310 -18.60 -9.25 -3.41
CA ASN A 310 -17.43 -10.11 -3.55
C ASN A 310 -16.88 -10.09 -4.97
N TYR A 311 -17.46 -9.25 -5.81
CA TYR A 311 -17.02 -9.10 -7.20
C TYR A 311 -17.35 -10.29 -8.10
N ARG A 312 -17.57 -9.99 -9.38
CA ARG A 312 -17.89 -11.00 -10.37
C ARG A 312 -17.42 -10.55 -11.75
N LEU A 313 -17.95 -11.16 -12.81
CA LEU A 313 -17.56 -10.82 -14.18
C LEU A 313 -18.76 -10.54 -15.06
N ILE A 314 -18.65 -9.53 -15.91
CA ILE A 314 -19.75 -9.18 -16.80
C ILE A 314 -19.30 -8.75 -18.19
N ASN A 315 -20.20 -8.89 -19.14
CA ASN A 315 -19.93 -8.55 -20.53
C ASN A 315 -20.84 -7.40 -20.95
N ILE A 316 -20.25 -6.37 -21.54
CA ILE A 316 -21.02 -5.24 -22.01
C ILE A 316 -20.74 -4.99 -23.48
N ASP A 317 -21.79 -5.05 -24.30
CA ASP A 317 -21.61 -4.79 -25.72
C ASP A 317 -21.81 -3.30 -25.83
N PHE A 318 -20.84 -2.60 -26.41
CA PHE A 318 -20.95 -1.16 -26.52
C PHE A 318 -22.02 -0.73 -27.51
N THR A 319 -22.49 -1.69 -28.31
CA THR A 319 -23.55 -1.40 -29.27
C THR A 319 -24.89 -1.55 -28.56
N ASP A 320 -24.92 -2.38 -27.53
CA ASP A 320 -26.13 -2.60 -26.74
C ASP A 320 -25.75 -2.38 -25.28
N PRO A 321 -25.49 -1.13 -24.93
CA PRO A 321 -25.10 -0.64 -23.60
C PRO A 321 -26.07 -0.81 -22.45
N GLU A 322 -27.36 -0.65 -22.70
CA GLU A 322 -28.36 -0.78 -21.64
C GLU A 322 -27.97 -1.85 -20.62
N GLU A 323 -28.03 -1.51 -19.34
CA GLU A 323 -27.66 -2.42 -18.25
C GLU A 323 -28.46 -3.71 -18.26
N SER A 324 -29.75 -3.62 -18.51
CA SER A 324 -30.59 -4.80 -18.54
C SER A 324 -30.23 -5.62 -19.77
N LYS A 325 -28.94 -5.86 -19.97
CA LYS A 325 -28.47 -6.63 -21.11
C LYS A 325 -27.09 -7.20 -20.83
N TRP A 326 -26.37 -6.56 -19.94
CA TRP A 326 -25.05 -7.04 -19.58
C TRP A 326 -25.22 -8.51 -19.27
N LYS A 327 -24.27 -9.32 -19.70
CA LYS A 327 -24.31 -10.75 -19.48
C LYS A 327 -23.32 -11.15 -18.38
N VAL A 328 -23.79 -11.88 -17.39
CA VAL A 328 -22.93 -12.34 -16.32
C VAL A 328 -22.12 -13.52 -16.86
N LEU A 329 -20.81 -13.36 -16.92
CA LEU A 329 -19.91 -14.40 -17.40
C LEU A 329 -19.55 -15.35 -16.26
N VAL A 330 -19.17 -14.79 -15.11
CA VAL A 330 -18.80 -15.55 -13.90
C VAL A 330 -19.45 -14.93 -12.66
N PRO A 331 -20.59 -15.48 -12.21
CA PRO A 331 -21.33 -14.99 -11.04
C PRO A 331 -20.52 -14.78 -9.77
N GLU A 332 -20.96 -13.83 -8.94
CA GLU A 332 -20.26 -13.54 -7.70
C GLU A 332 -20.27 -14.77 -6.82
N HIS A 333 -19.13 -15.03 -6.15
CA HIS A 333 -19.05 -16.17 -5.27
C HIS A 333 -19.63 -15.70 -3.95
N GLU A 334 -20.52 -16.50 -3.41
CA GLU A 334 -21.17 -16.17 -2.17
C GLU A 334 -20.20 -15.85 -1.03
N LYS A 335 -19.06 -16.53 -0.98
CA LYS A 335 -18.11 -16.28 0.09
C LYS A 335 -16.69 -15.91 -0.35
N ASP A 336 -16.31 -16.32 -1.56
CA ASP A 336 -14.97 -16.04 -2.05
C ASP A 336 -14.88 -14.73 -2.82
N VAL A 337 -13.88 -13.92 -2.48
CA VAL A 337 -13.66 -12.61 -3.11
C VAL A 337 -12.77 -12.70 -4.34
N LEU A 338 -13.19 -12.05 -5.43
CA LEU A 338 -12.44 -12.06 -6.68
C LEU A 338 -11.42 -10.89 -6.73
N GLU A 339 -10.17 -11.18 -6.38
CA GLU A 339 -9.11 -10.17 -6.36
C GLU A 339 -8.81 -9.54 -7.70
N TRP A 340 -8.29 -10.35 -8.62
CA TRP A 340 -7.96 -9.84 -9.94
C TRP A 340 -8.12 -10.90 -11.02
N VAL A 341 -8.34 -10.45 -12.24
CA VAL A 341 -8.51 -11.34 -13.39
C VAL A 341 -7.59 -10.88 -14.51
N ALA A 342 -6.97 -11.85 -15.18
CA ALA A 342 -6.07 -11.57 -16.29
C ALA A 342 -6.41 -12.45 -17.48
N CYS A 343 -6.43 -11.86 -18.67
CA CYS A 343 -6.73 -12.62 -19.88
C CYS A 343 -5.40 -13.04 -20.48
N VAL A 344 -5.33 -14.28 -20.97
CA VAL A 344 -4.10 -14.80 -21.54
C VAL A 344 -4.38 -15.84 -22.62
N ARG A 345 -3.45 -15.97 -23.56
CA ARG A 345 -3.59 -16.89 -24.67
C ARG A 345 -4.92 -16.67 -25.37
N SER A 346 -5.28 -15.40 -25.53
CA SER A 346 -6.52 -15.01 -26.22
C SER A 346 -7.85 -15.30 -25.52
N ASN A 347 -8.18 -16.58 -25.38
CA ASN A 347 -9.45 -16.93 -24.77
C ASN A 347 -9.33 -17.62 -23.42
N PHE A 348 -8.23 -17.40 -22.73
CA PHE A 348 -8.04 -18.00 -21.42
C PHE A 348 -8.20 -16.93 -20.39
N LEU A 349 -8.80 -17.25 -19.26
CA LEU A 349 -8.98 -16.27 -18.21
C LEU A 349 -8.41 -16.84 -16.91
N VAL A 350 -7.55 -16.05 -16.27
CA VAL A 350 -6.93 -16.48 -15.02
C VAL A 350 -7.51 -15.65 -13.90
N LEU A 351 -8.29 -16.29 -13.02
CA LEU A 351 -8.85 -15.57 -11.89
C LEU A 351 -8.12 -16.04 -10.64
N CYS A 352 -7.95 -15.13 -9.69
CA CYS A 352 -7.27 -15.40 -8.43
C CYS A 352 -8.22 -14.95 -7.31
N TYR A 353 -8.79 -15.91 -6.60
CA TYR A 353 -9.73 -15.62 -5.50
C TYR A 353 -9.04 -15.53 -4.17
N LEU A 354 -9.76 -15.00 -3.20
CA LEU A 354 -9.29 -14.87 -1.83
C LEU A 354 -10.23 -15.79 -1.05
N HIS A 355 -9.73 -16.93 -0.61
CA HIS A 355 -10.55 -17.85 0.15
C HIS A 355 -10.03 -17.82 1.58
N ASP A 356 -10.75 -17.14 2.46
CA ASP A 356 -10.34 -17.03 3.85
C ASP A 356 -8.90 -16.53 3.89
N VAL A 357 -8.72 -15.31 3.39
CA VAL A 357 -7.43 -14.63 3.33
C VAL A 357 -6.32 -15.52 2.82
N LYS A 358 -6.64 -16.38 1.86
CA LYS A 358 -5.67 -17.27 1.26
C LYS A 358 -5.95 -17.19 -0.23
N ASN A 359 -4.91 -17.03 -1.03
CA ASN A 359 -5.09 -16.94 -2.47
C ASN A 359 -5.24 -18.28 -3.14
N THR A 360 -6.11 -18.33 -4.16
CA THR A 360 -6.35 -19.55 -4.93
C THR A 360 -6.28 -19.15 -6.40
N LEU A 361 -5.62 -19.94 -7.23
CA LEU A 361 -5.48 -19.62 -8.65
C LEU A 361 -6.19 -20.60 -9.58
N GLN A 362 -7.18 -20.11 -10.31
CA GLN A 362 -7.95 -20.92 -11.24
C GLN A 362 -7.73 -20.48 -12.69
N LEU A 363 -8.41 -21.15 -13.62
CA LEU A 363 -8.30 -20.84 -15.04
C LEU A 363 -9.59 -21.13 -15.78
N HIS A 364 -10.24 -20.08 -16.30
CA HIS A 364 -11.50 -20.22 -17.02
C HIS A 364 -11.45 -19.94 -18.52
N ASP A 365 -12.58 -20.21 -19.19
CA ASP A 365 -12.73 -19.98 -20.63
C ASP A 365 -13.43 -18.64 -20.90
N LEU A 366 -12.72 -17.70 -21.51
CA LEU A 366 -13.31 -16.40 -21.78
C LEU A 366 -14.68 -16.53 -22.43
N ALA A 367 -14.79 -17.47 -23.36
CA ALA A 367 -16.03 -17.68 -24.10
C ALA A 367 -17.27 -17.94 -23.25
N THR A 368 -17.19 -18.92 -22.36
CA THR A 368 -18.32 -19.27 -21.50
C THR A 368 -18.14 -18.90 -20.03
N GLY A 369 -16.91 -18.99 -19.54
CA GLY A 369 -16.66 -18.65 -18.14
C GLY A 369 -16.53 -19.89 -17.29
N ALA A 370 -16.69 -21.05 -17.93
CA ALA A 370 -16.58 -22.33 -17.25
C ALA A 370 -15.18 -22.49 -16.66
N LEU A 371 -15.05 -23.21 -15.55
CA LEU A 371 -13.75 -23.42 -14.92
C LEU A 371 -13.04 -24.56 -15.64
N LEU A 372 -11.78 -24.34 -16.02
CA LEU A 372 -11.01 -25.36 -16.71
C LEU A 372 -9.97 -26.02 -15.81
N LYS A 373 -9.23 -25.23 -15.04
CA LYS A 373 -8.23 -25.82 -14.16
C LYS A 373 -7.98 -25.07 -12.87
N ILE A 374 -7.48 -25.81 -11.89
CA ILE A 374 -7.16 -25.27 -10.59
C ILE A 374 -5.64 -25.35 -10.41
N PHE A 375 -5.01 -24.24 -10.08
CA PHE A 375 -3.58 -24.27 -9.88
C PHE A 375 -3.36 -24.45 -8.38
N PRO A 376 -2.65 -25.52 -8.00
CA PRO A 376 -2.34 -25.86 -6.60
C PRO A 376 -1.37 -24.92 -5.90
N LEU A 377 -1.81 -24.39 -4.75
CA LEU A 377 -1.01 -23.48 -3.95
C LEU A 377 -1.20 -23.80 -2.47
N GLU A 378 -0.15 -23.62 -1.68
CA GLU A 378 -0.24 -23.87 -0.25
C GLU A 378 -0.97 -22.65 0.31
N VAL A 379 -1.08 -22.56 1.62
CA VAL A 379 -1.74 -21.41 2.22
C VAL A 379 -0.76 -20.23 2.12
N GLY A 380 -1.23 -19.13 1.54
CA GLY A 380 -0.40 -17.95 1.37
C GLY A 380 -0.95 -16.93 0.39
N SER A 381 -0.06 -16.18 -0.26
CA SER A 381 -0.45 -15.12 -1.20
C SER A 381 0.25 -15.17 -2.56
N VAL A 382 -0.49 -14.91 -3.63
CA VAL A 382 0.12 -14.87 -4.95
C VAL A 382 0.57 -13.40 -5.09
N VAL A 383 1.88 -13.17 -5.15
CA VAL A 383 2.44 -11.81 -5.20
C VAL A 383 2.90 -11.25 -6.53
N GLY A 384 2.90 -12.08 -7.58
CA GLY A 384 3.32 -11.63 -8.88
C GLY A 384 2.60 -12.45 -9.91
N TYR A 385 2.49 -11.92 -11.13
CA TYR A 385 1.83 -12.60 -12.24
C TYR A 385 2.34 -12.00 -13.55
N SER A 386 2.37 -12.80 -14.61
CA SER A 386 2.84 -12.32 -15.88
C SER A 386 2.22 -13.14 -17.01
N GLY A 387 1.17 -12.59 -17.60
CA GLY A 387 0.49 -13.24 -18.69
C GLY A 387 -0.51 -12.33 -19.36
N GLN A 388 -0.21 -11.93 -20.59
CA GLN A 388 -1.08 -11.05 -21.36
C GLN A 388 -1.83 -11.79 -22.45
N LYS A 389 -2.80 -11.08 -23.05
CA LYS A 389 -3.61 -11.65 -24.11
C LYS A 389 -2.79 -12.28 -25.21
N LYS A 390 -1.71 -11.63 -25.60
CA LYS A 390 -0.86 -12.13 -26.69
C LYS A 390 0.11 -13.21 -26.26
N ASP A 391 0.34 -13.34 -24.95
CA ASP A 391 1.25 -14.35 -24.44
C ASP A 391 0.57 -15.72 -24.53
N THR A 392 1.38 -16.76 -24.46
CA THR A 392 0.91 -18.13 -24.53
C THR A 392 1.46 -18.85 -23.31
N GLU A 393 1.66 -18.08 -22.23
CA GLU A 393 2.22 -18.63 -21.00
C GLU A 393 2.10 -17.66 -19.84
N ILE A 394 1.98 -18.21 -18.63
CA ILE A 394 1.87 -17.41 -17.42
C ILE A 394 3.03 -17.68 -16.47
N PHE A 395 3.19 -16.80 -15.48
CA PHE A 395 4.25 -16.88 -14.48
C PHE A 395 3.61 -16.31 -13.22
N TYR A 396 3.66 -17.02 -12.10
CA TYR A 396 3.09 -16.44 -10.87
C TYR A 396 3.93 -16.75 -9.64
N GLN A 397 4.09 -15.77 -8.76
CA GLN A 397 4.88 -15.92 -7.54
C GLN A 397 4.06 -16.22 -6.30
N PHE A 398 4.55 -17.18 -5.51
CA PHE A 398 3.85 -17.55 -4.30
C PHE A 398 4.72 -17.27 -3.08
N THR A 399 4.18 -16.54 -2.11
CA THR A 399 4.91 -16.25 -0.88
C THR A 399 4.03 -16.62 0.31
N SER A 400 4.65 -16.76 1.47
CA SER A 400 3.92 -17.06 2.70
C SER A 400 4.79 -16.69 3.90
N PHE A 401 4.20 -16.72 5.09
CA PHE A 401 4.94 -16.38 6.31
C PHE A 401 6.30 -17.05 6.40
N LEU A 402 6.40 -18.30 5.95
CA LEU A 402 7.65 -19.04 6.02
C LEU A 402 8.37 -19.25 4.71
N SER A 403 7.77 -18.85 3.59
CA SER A 403 8.44 -19.05 2.31
C SER A 403 8.71 -17.74 1.62
N PRO A 404 9.98 -17.46 1.31
CA PRO A 404 10.39 -16.22 0.64
C PRO A 404 9.65 -16.07 -0.67
N GLY A 405 9.55 -17.17 -1.42
CA GLY A 405 8.84 -17.11 -2.68
C GLY A 405 9.16 -18.24 -3.63
N ILE A 406 8.18 -18.55 -4.47
CA ILE A 406 8.33 -19.60 -5.48
C ILE A 406 7.66 -19.06 -6.73
N ILE A 407 8.40 -19.08 -7.84
CA ILE A 407 7.87 -18.61 -9.10
C ILE A 407 7.47 -19.84 -9.89
N TYR A 408 6.25 -19.84 -10.42
CA TYR A 408 5.80 -20.98 -11.20
C TYR A 408 5.70 -20.57 -12.66
N HIS A 409 5.75 -21.56 -13.55
CA HIS A 409 5.64 -21.27 -14.98
C HIS A 409 4.59 -22.18 -15.59
N CYS A 410 4.02 -21.78 -16.73
CA CYS A 410 3.00 -22.59 -17.36
C CYS A 410 2.78 -22.29 -18.85
N ASP A 411 3.21 -23.21 -19.69
CA ASP A 411 3.08 -23.12 -21.13
C ASP A 411 1.63 -23.49 -21.47
N LEU A 412 0.81 -22.49 -21.79
CA LEU A 412 -0.60 -22.73 -22.08
C LEU A 412 -0.89 -23.21 -23.50
N THR A 413 0.16 -23.59 -24.22
CA THR A 413 0.03 -24.09 -25.58
C THR A 413 0.04 -25.62 -25.56
N LYS A 414 0.19 -26.19 -24.36
CA LYS A 414 0.24 -27.64 -24.20
C LYS A 414 -1.13 -28.18 -23.82
N GLU A 415 -1.48 -29.31 -24.43
CA GLU A 415 -2.75 -29.95 -24.18
C GLU A 415 -2.99 -30.06 -22.67
N GLU A 416 -2.13 -30.81 -21.99
CA GLU A 416 -2.27 -31.00 -20.54
C GLU A 416 -1.59 -29.82 -19.83
N LEU A 417 -2.40 -28.98 -19.20
CA LEU A 417 -1.87 -27.81 -18.49
C LEU A 417 -1.20 -28.19 -17.18
N GLU A 418 0.06 -28.59 -17.25
CA GLU A 418 0.80 -28.96 -16.06
C GLU A 418 1.83 -27.88 -15.73
N PRO A 419 1.68 -27.23 -14.58
CA PRO A 419 2.60 -26.18 -14.14
C PRO A 419 3.80 -26.77 -13.40
N ARG A 420 4.94 -26.10 -13.50
CA ARG A 420 6.14 -26.58 -12.81
C ARG A 420 6.92 -25.42 -12.16
N VAL A 421 7.66 -25.73 -11.10
CA VAL A 421 8.46 -24.75 -10.40
C VAL A 421 9.50 -24.16 -11.34
N PHE A 422 9.52 -22.85 -11.44
CA PHE A 422 10.46 -22.19 -12.32
C PHE A 422 11.63 -21.69 -11.48
N ARG A 423 11.31 -20.97 -10.41
CA ARG A 423 12.34 -20.45 -9.53
C ARG A 423 11.89 -20.61 -8.09
N GLU A 424 12.83 -20.92 -7.20
CA GLU A 424 12.54 -21.12 -5.79
C GLU A 424 13.72 -20.64 -4.93
N VAL A 425 13.43 -20.13 -3.74
CA VAL A 425 14.50 -19.64 -2.89
C VAL A 425 14.27 -19.78 -1.38
N THR A 426 15.22 -20.44 -0.71
CA THR A 426 15.14 -20.64 0.73
C THR A 426 16.11 -19.71 1.45
N VAL A 427 15.75 -19.31 2.67
CA VAL A 427 16.58 -18.41 3.44
C VAL A 427 17.37 -19.14 4.52
N LYS A 428 18.56 -19.64 4.16
CA LYS A 428 19.40 -20.34 5.11
C LYS A 428 19.43 -19.51 6.40
N GLY A 429 19.48 -20.20 7.54
CA GLY A 429 19.50 -19.49 8.81
C GLY A 429 18.14 -19.60 9.47
N ILE A 430 17.15 -20.02 8.69
CA ILE A 430 15.79 -20.21 9.21
C ILE A 430 15.28 -21.58 8.75
N ASP A 431 14.54 -22.25 9.61
CA ASP A 431 14.00 -23.58 9.33
C ASP A 431 12.51 -23.65 9.63
N ALA A 432 11.70 -23.56 8.58
CA ALA A 432 10.25 -23.60 8.68
C ALA A 432 9.71 -24.67 9.61
N SER A 433 10.20 -25.89 9.46
CA SER A 433 9.75 -26.99 10.30
C SER A 433 9.75 -26.62 11.77
N ASP A 434 10.46 -25.56 12.14
CA ASP A 434 10.54 -25.15 13.53
C ASP A 434 9.42 -24.24 14.00
N TYR A 435 8.73 -23.62 13.06
CA TYR A 435 7.62 -22.71 13.36
C TYR A 435 6.30 -23.28 12.88
N GLN A 436 5.21 -22.74 13.38
CA GLN A 436 3.92 -23.23 12.96
C GLN A 436 2.92 -22.11 12.78
N THR A 437 2.22 -22.15 11.64
CA THR A 437 1.21 -21.15 11.31
C THR A 437 -0.17 -21.69 11.57
N VAL A 438 -0.97 -20.91 12.26
CA VAL A 438 -2.34 -21.30 12.54
C VAL A 438 -3.25 -20.09 12.27
N GLN A 439 -4.48 -20.36 11.89
CA GLN A 439 -5.44 -19.30 11.62
C GLN A 439 -6.68 -19.56 12.47
N ILE A 440 -6.90 -18.72 13.45
CA ILE A 440 -8.05 -18.87 14.32
C ILE A 440 -9.09 -17.86 13.89
N PHE A 441 -10.24 -17.89 14.54
CA PHE A 441 -11.34 -16.97 14.26
C PHE A 441 -11.92 -16.56 15.61
N TYR A 442 -11.55 -15.37 16.09
CA TYR A 442 -12.07 -14.89 17.37
C TYR A 442 -13.25 -13.93 17.16
N PRO A 443 -14.15 -13.83 18.14
CA PRO A 443 -15.30 -12.92 18.03
C PRO A 443 -15.00 -11.52 18.54
N SER A 444 -15.61 -10.52 17.93
CA SER A 444 -15.39 -9.15 18.33
C SER A 444 -16.48 -8.69 19.33
N LYS A 445 -16.37 -7.44 19.80
CA LYS A 445 -17.33 -6.90 20.73
C LYS A 445 -18.79 -7.09 20.29
N ASP A 446 -19.01 -7.37 19.01
CA ASP A 446 -20.37 -7.50 18.53
C ASP A 446 -20.83 -8.85 18.03
N GLY A 447 -19.96 -9.86 18.15
CA GLY A 447 -20.30 -11.19 17.72
C GLY A 447 -19.57 -11.63 16.47
N THR A 448 -19.27 -10.67 15.60
CA THR A 448 -18.60 -10.92 14.34
C THR A 448 -17.28 -11.69 14.47
N LYS A 449 -17.22 -12.89 13.88
CA LYS A 449 -16.02 -13.71 13.93
C LYS A 449 -14.95 -13.14 13.02
N ILE A 450 -13.85 -12.70 13.62
CA ILE A 450 -12.74 -12.11 12.87
C ILE A 450 -11.55 -13.06 12.74
N PRO A 451 -11.01 -13.19 11.51
CA PRO A 451 -9.85 -14.05 11.24
C PRO A 451 -8.57 -13.42 11.71
N MET A 452 -7.55 -14.22 11.96
CA MET A 452 -6.26 -13.73 12.40
C MET A 452 -5.27 -14.88 12.32
N PHE A 453 -4.08 -14.61 11.76
CA PHE A 453 -3.03 -15.63 11.62
C PHE A 453 -2.06 -15.47 12.78
N ILE A 454 -1.49 -16.59 13.24
CA ILE A 454 -0.54 -16.56 14.33
C ILE A 454 0.66 -17.47 14.09
N VAL A 455 1.85 -16.88 14.03
CA VAL A 455 3.06 -17.66 13.83
C VAL A 455 3.84 -17.70 15.15
N HIS A 456 4.23 -18.90 15.55
CA HIS A 456 5.00 -19.08 16.77
C HIS A 456 5.83 -20.33 16.57
N LYS A 457 6.76 -20.60 17.48
CA LYS A 457 7.60 -21.79 17.37
C LYS A 457 6.80 -23.01 17.78
N LYS A 458 7.15 -24.17 17.25
CA LYS A 458 6.45 -25.40 17.60
C LYS A 458 6.88 -25.74 19.01
N GLY A 459 5.93 -26.12 19.86
CA GLY A 459 6.30 -26.49 21.23
C GLY A 459 6.11 -25.47 22.33
N ILE A 460 5.96 -24.19 21.98
CA ILE A 460 5.79 -23.18 23.01
C ILE A 460 4.51 -23.39 23.81
N LYS A 461 4.61 -23.24 25.12
CA LYS A 461 3.47 -23.43 26.01
C LYS A 461 2.71 -22.13 26.22
N LEU A 462 1.42 -22.14 25.95
CA LEU A 462 0.61 -20.94 26.11
C LEU A 462 0.45 -20.60 27.59
N ASP A 463 1.33 -19.74 28.09
CA ASP A 463 1.30 -19.32 29.49
C ASP A 463 1.53 -17.81 29.62
N GLY A 464 1.11 -17.07 28.60
CA GLY A 464 1.24 -15.62 28.59
C GLY A 464 2.63 -15.13 28.93
N SER A 465 3.64 -15.96 28.67
CA SER A 465 4.99 -15.55 29.00
C SER A 465 5.79 -15.11 27.81
N HIS A 466 5.18 -15.05 26.64
CA HIS A 466 5.87 -14.65 25.42
C HIS A 466 5.49 -13.25 24.94
N PRO A 467 6.42 -12.56 24.26
CA PRO A 467 6.23 -11.21 23.72
C PRO A 467 5.65 -11.31 22.31
N ALA A 468 4.38 -10.98 22.15
CA ALA A 468 3.71 -11.06 20.85
C ALA A 468 3.62 -9.74 20.11
N PHE A 469 3.85 -9.78 18.80
CA PHE A 469 3.80 -8.60 17.93
C PHE A 469 2.48 -8.72 17.17
N LEU A 470 1.51 -7.84 17.46
CA LEU A 470 0.23 -7.89 16.79
C LEU A 470 0.16 -6.80 15.73
N TYR A 471 -0.18 -7.20 14.50
CA TYR A 471 -0.27 -6.28 13.36
C TYR A 471 -1.67 -6.19 12.72
N GLY A 472 -2.01 -5.00 12.23
CA GLY A 472 -3.29 -4.76 11.59
C GLY A 472 -3.31 -3.45 10.79
N TYR A 473 -4.30 -3.29 9.91
CA TYR A 473 -4.46 -2.10 9.07
C TYR A 473 -5.93 -1.63 9.11
N GLY A 474 -6.83 -2.50 8.66
CA GLY A 474 -8.25 -2.18 8.68
C GLY A 474 -8.74 -0.97 7.89
N GLY A 475 -8.95 -1.14 6.58
CA GLY A 475 -9.44 -0.02 5.81
C GLY A 475 -8.97 0.11 4.37
N PHE A 476 -9.80 0.78 3.58
CA PHE A 476 -9.50 1.05 2.18
C PHE A 476 -9.54 -0.21 1.35
N ASN A 477 -10.34 -1.15 1.79
CA ASN A 477 -10.51 -2.40 1.05
C ASN A 477 -9.21 -3.19 0.90
N ILE A 478 -8.15 -2.75 1.56
CA ILE A 478 -6.86 -3.42 1.52
C ILE A 478 -7.03 -4.72 2.32
N SER A 479 -6.42 -5.80 1.85
CA SER A 479 -6.52 -7.09 2.54
C SER A 479 -5.11 -7.47 2.96
N ILE A 480 -4.88 -7.69 4.25
CA ILE A 480 -3.55 -8.04 4.73
C ILE A 480 -3.37 -9.56 4.67
N THR A 481 -2.91 -10.06 3.52
CA THR A 481 -2.70 -11.50 3.31
C THR A 481 -1.28 -11.93 3.68
N PRO A 482 -1.06 -13.26 3.81
CA PRO A 482 0.23 -13.85 4.17
C PRO A 482 1.42 -13.41 3.36
N ASN A 483 2.42 -12.83 4.02
CA ASN A 483 3.62 -12.39 3.33
C ASN A 483 4.86 -12.85 4.10
N TYR A 484 6.01 -12.73 3.48
CA TYR A 484 7.27 -13.14 4.07
C TYR A 484 8.06 -11.96 4.62
N SER A 485 8.28 -11.98 5.92
CA SER A 485 9.03 -10.92 6.58
C SER A 485 10.14 -11.51 7.42
N VAL A 486 11.37 -11.44 6.92
CA VAL A 486 12.51 -11.96 7.65
C VAL A 486 12.60 -11.19 8.97
N SER A 487 12.44 -9.89 8.87
CA SER A 487 12.50 -8.99 10.01
C SER A 487 11.54 -9.35 11.15
N ARG A 488 10.47 -10.08 10.84
CA ARG A 488 9.51 -10.46 11.85
C ARG A 488 9.78 -11.87 12.36
N LEU A 489 10.46 -12.66 11.56
CA LEU A 489 10.82 -14.02 11.94
C LEU A 489 11.95 -13.90 12.95
N ILE A 490 12.98 -13.13 12.61
CA ILE A 490 14.10 -12.91 13.51
C ILE A 490 13.49 -12.67 14.88
N PHE A 491 12.45 -11.85 14.91
CA PHE A 491 11.77 -11.54 16.16
C PHE A 491 11.30 -12.82 16.84
N VAL A 492 10.69 -13.70 16.05
CA VAL A 492 10.16 -14.97 16.54
C VAL A 492 11.24 -15.91 17.08
N ARG A 493 12.37 -15.99 16.39
CA ARG A 493 13.43 -16.90 16.84
C ARG A 493 14.56 -16.31 17.66
N HIS A 494 14.79 -15.01 17.58
CA HIS A 494 15.87 -14.40 18.34
C HIS A 494 15.41 -13.56 19.52
N MET A 495 14.10 -13.52 19.76
CA MET A 495 13.52 -12.81 20.89
C MET A 495 12.34 -13.65 21.40
N GLY A 496 12.26 -14.87 20.89
CA GLY A 496 11.20 -15.79 21.26
C GLY A 496 9.85 -15.13 21.22
N GLY A 497 9.57 -14.38 20.17
CA GLY A 497 8.29 -13.70 20.09
C GLY A 497 7.20 -14.42 19.32
N VAL A 498 5.98 -13.89 19.44
CA VAL A 498 4.83 -14.47 18.75
C VAL A 498 4.25 -13.49 17.76
N LEU A 499 4.29 -13.85 16.49
CA LEU A 499 3.76 -13.00 15.45
C LEU A 499 2.26 -13.26 15.29
N ALA A 500 1.48 -12.19 15.10
CA ALA A 500 0.04 -12.32 14.94
C ALA A 500 -0.52 -11.19 14.07
N VAL A 501 -1.28 -11.52 13.03
CA VAL A 501 -1.88 -10.52 12.13
C VAL A 501 -3.39 -10.67 12.13
N ALA A 502 -4.11 -9.57 12.38
CA ALA A 502 -5.57 -9.58 12.43
C ALA A 502 -6.24 -8.92 11.23
N ASN A 503 -7.20 -9.61 10.63
CA ASN A 503 -7.88 -9.05 9.48
C ASN A 503 -9.20 -8.41 9.90
N ILE A 504 -9.10 -7.32 10.65
CA ILE A 504 -10.27 -6.59 11.14
C ILE A 504 -11.10 -5.94 10.03
N ARG A 505 -12.34 -5.58 10.37
CA ARG A 505 -13.25 -4.98 9.42
C ARG A 505 -12.64 -3.73 8.80
N GLY A 506 -13.17 -3.32 7.65
CA GLY A 506 -12.64 -2.15 6.96
C GLY A 506 -11.76 -2.56 5.81
N GLY A 507 -11.20 -3.76 5.91
CA GLY A 507 -10.36 -4.30 4.85
C GLY A 507 -11.24 -4.95 3.82
N GLY A 508 -10.62 -5.66 2.87
CA GLY A 508 -11.41 -6.29 1.82
C GLY A 508 -11.43 -7.79 1.82
N GLU A 509 -10.85 -8.43 2.84
CA GLU A 509 -10.80 -9.88 2.93
C GLU A 509 -12.15 -10.52 2.66
N TYR A 510 -13.24 -9.78 2.90
CA TYR A 510 -14.57 -10.34 2.66
C TYR A 510 -15.47 -9.39 1.87
N GLY A 511 -14.99 -8.95 0.71
CA GLY A 511 -15.79 -8.08 -0.14
C GLY A 511 -15.94 -6.71 0.45
N GLU A 512 -16.77 -5.89 -0.21
CA GLU A 512 -16.98 -4.53 0.24
C GLU A 512 -17.77 -4.47 1.54
N THR A 513 -18.41 -5.58 1.93
CA THR A 513 -19.17 -5.55 3.18
C THR A 513 -18.22 -5.64 4.37
N TRP A 514 -16.99 -6.10 4.14
CA TRP A 514 -15.99 -6.17 5.20
C TRP A 514 -15.39 -4.77 5.19
N HIS A 515 -15.25 -4.22 4.00
CA HIS A 515 -14.72 -2.88 3.86
C HIS A 515 -15.67 -1.87 4.52
N LYS A 516 -16.94 -1.95 4.16
CA LYS A 516 -17.93 -1.01 4.70
C LYS A 516 -18.31 -1.21 6.15
N GLY A 517 -17.84 -2.29 6.77
CA GLY A 517 -18.17 -2.55 8.16
C GLY A 517 -17.13 -1.97 9.08
N GLY A 518 -16.17 -1.25 8.50
CA GLY A 518 -15.12 -0.65 9.30
C GLY A 518 -14.77 0.70 8.74
N ILE A 519 -15.79 1.45 8.30
CA ILE A 519 -15.56 2.79 7.75
C ILE A 519 -16.76 3.70 8.02
N LEU A 520 -16.50 5.01 8.03
CA LEU A 520 -17.52 6.02 8.30
C LEU A 520 -18.14 5.91 9.70
N ALA A 521 -19.44 5.65 9.80
CA ALA A 521 -20.07 5.56 11.10
C ALA A 521 -19.70 4.31 11.87
N ASN A 522 -18.99 3.40 11.22
CA ASN A 522 -18.60 2.14 11.87
C ASN A 522 -17.09 1.98 11.96
N LYS A 523 -16.36 3.08 11.83
CA LYS A 523 -14.93 3.01 11.89
C LYS A 523 -14.48 2.41 13.21
N GLN A 524 -15.17 2.79 14.27
CA GLN A 524 -14.85 2.31 15.60
C GLN A 524 -14.92 0.79 15.65
N ASN A 525 -15.51 0.20 14.62
CA ASN A 525 -15.64 -1.25 14.57
C ASN A 525 -14.29 -1.95 14.45
N CYS A 526 -13.31 -1.27 13.81
CA CYS A 526 -11.97 -1.85 13.66
C CYS A 526 -11.17 -1.76 14.96
N PHE A 527 -11.33 -0.66 15.68
CA PHE A 527 -10.60 -0.52 16.93
C PHE A 527 -11.07 -1.58 17.92
N ASP A 528 -12.38 -1.86 17.88
CA ASP A 528 -13.01 -2.86 18.75
C ASP A 528 -12.53 -4.23 18.30
N ASP A 529 -12.46 -4.40 16.98
CA ASP A 529 -12.06 -5.64 16.34
C ASP A 529 -10.62 -5.98 16.65
N PHE A 530 -9.79 -4.95 16.63
CA PHE A 530 -8.35 -5.07 16.86
C PHE A 530 -8.01 -5.15 18.33
N GLN A 531 -8.92 -4.72 19.18
CA GLN A 531 -8.69 -4.76 20.61
C GLN A 531 -9.01 -6.17 21.07
N CYS A 532 -10.12 -6.70 20.55
CA CYS A 532 -10.57 -8.04 20.87
C CYS A 532 -9.52 -9.08 20.47
N ALA A 533 -8.55 -8.66 19.66
CA ALA A 533 -7.49 -9.55 19.23
C ALA A 533 -6.42 -9.61 20.32
N ALA A 534 -6.11 -8.47 20.93
CA ALA A 534 -5.13 -8.47 22.00
C ALA A 534 -5.70 -9.28 23.16
N GLU A 535 -6.97 -9.05 23.44
CA GLU A 535 -7.64 -9.76 24.50
C GLU A 535 -7.63 -11.25 24.23
N TYR A 536 -7.65 -11.63 22.95
CA TYR A 536 -7.63 -13.05 22.61
C TYR A 536 -6.25 -13.62 22.92
N LEU A 537 -5.22 -13.13 22.24
CA LEU A 537 -3.86 -13.61 22.47
C LEU A 537 -3.54 -13.67 23.97
N ILE A 538 -3.97 -12.65 24.69
CA ILE A 538 -3.72 -12.54 26.12
C ILE A 538 -4.51 -13.56 26.93
N LYS A 539 -5.75 -13.81 26.51
CA LYS A 539 -6.64 -14.73 27.21
C LYS A 539 -6.22 -16.18 27.08
N GLU A 540 -5.78 -16.55 25.89
CA GLU A 540 -5.35 -17.91 25.62
C GLU A 540 -3.89 -18.10 25.95
N GLY A 541 -3.35 -17.21 26.77
CA GLY A 541 -1.97 -17.32 27.19
C GLY A 541 -0.84 -17.24 26.19
N TYR A 542 -1.00 -16.41 25.15
CA TYR A 542 0.07 -16.26 24.17
C TYR A 542 1.03 -15.21 24.71
N THR A 543 0.45 -14.17 25.31
CA THR A 543 1.22 -13.07 25.88
C THR A 543 0.44 -12.37 26.97
N SER A 544 1.05 -11.35 27.55
CA SER A 544 0.42 -10.57 28.61
C SER A 544 0.44 -9.10 28.20
N PRO A 545 -0.34 -8.26 28.89
CA PRO A 545 -0.41 -6.84 28.56
C PRO A 545 0.92 -6.10 28.48
N LYS A 546 1.76 -6.28 29.50
CA LYS A 546 3.03 -5.59 29.56
C LYS A 546 4.06 -6.04 28.53
N ARG A 547 3.81 -7.17 27.86
CA ARG A 547 4.77 -7.68 26.87
C ARG A 547 4.19 -7.77 25.46
N LEU A 548 3.09 -7.06 25.22
CA LEU A 548 2.42 -7.06 23.93
C LEU A 548 2.79 -5.81 23.13
N THR A 549 3.01 -5.98 21.84
CA THR A 549 3.35 -4.87 20.97
C THR A 549 2.38 -4.86 19.79
N ILE A 550 1.89 -3.67 19.44
CA ILE A 550 0.98 -3.57 18.32
C ILE A 550 1.55 -2.57 17.33
N ASN A 551 1.82 -3.02 16.11
CA ASN A 551 2.36 -2.17 15.05
C ASN A 551 1.29 -1.86 14.00
N GLY A 552 1.57 -0.88 13.16
CA GLY A 552 0.66 -0.47 12.11
C GLY A 552 1.22 0.77 11.47
N GLY A 553 0.88 1.03 10.21
CA GLY A 553 1.38 2.23 9.53
C GLY A 553 0.33 2.81 8.59
N SER A 554 0.35 4.13 8.36
CA SER A 554 -0.64 4.73 7.48
C SER A 554 -1.96 4.51 8.19
N ASN A 555 -2.94 3.93 7.50
CA ASN A 555 -4.21 3.63 8.15
C ASN A 555 -3.90 2.77 9.37
N GLY A 556 -2.84 1.96 9.26
CA GLY A 556 -2.45 1.10 10.36
C GLY A 556 -2.07 1.89 11.60
N GLY A 557 -1.11 2.80 11.44
CA GLY A 557 -0.65 3.63 12.53
C GLY A 557 -1.75 4.37 13.24
N LEU A 558 -2.81 4.74 12.54
CA LEU A 558 -3.91 5.45 13.19
C LEU A 558 -4.62 4.47 14.10
N LEU A 559 -4.74 3.24 13.63
CA LEU A 559 -5.40 2.18 14.39
C LEU A 559 -4.64 1.95 15.70
N VAL A 560 -3.33 1.70 15.61
CA VAL A 560 -2.53 1.47 16.80
C VAL A 560 -2.54 2.67 17.74
N ALA A 561 -2.56 3.89 17.19
CA ALA A 561 -2.57 5.11 18.02
C ALA A 561 -3.90 5.29 18.75
N THR A 562 -4.99 4.90 18.13
CA THR A 562 -6.30 5.04 18.76
C THR A 562 -6.52 3.96 19.81
N CYS A 563 -5.93 2.79 19.61
CA CYS A 563 -6.09 1.70 20.54
C CYS A 563 -5.29 1.95 21.80
N ALA A 564 -4.26 2.77 21.70
CA ALA A 564 -3.44 3.10 22.85
C ALA A 564 -4.16 4.16 23.64
N ASN A 565 -4.97 4.96 22.95
CA ASN A 565 -5.72 6.03 23.58
C ASN A 565 -6.96 5.47 24.26
N GLN A 566 -7.55 4.47 23.66
CA GLN A 566 -8.77 3.88 24.22
C GLN A 566 -8.49 2.84 25.30
N ARG A 567 -7.54 1.94 25.04
CA ARG A 567 -7.21 0.91 26.03
C ARG A 567 -5.71 0.84 26.20
N PRO A 568 -5.12 1.85 26.84
CA PRO A 568 -3.66 1.82 27.03
C PRO A 568 -3.18 0.73 27.98
N ASP A 569 -4.10 0.06 28.68
CA ASP A 569 -3.75 -0.98 29.63
C ASP A 569 -3.63 -2.34 28.98
N LEU A 570 -3.88 -2.40 27.68
CA LEU A 570 -3.85 -3.65 26.94
C LEU A 570 -2.50 -4.00 26.35
N PHE A 571 -1.71 -2.97 26.00
CA PHE A 571 -0.40 -3.19 25.41
C PHE A 571 0.70 -2.49 26.18
N GLY A 572 1.94 -2.95 25.99
CA GLY A 572 3.06 -2.34 26.67
C GLY A 572 4.01 -1.68 25.70
N CYS A 573 3.67 -1.70 24.41
CA CYS A 573 4.50 -1.09 23.38
C CYS A 573 3.69 -0.82 22.12
N VAL A 574 3.89 0.35 21.55
CA VAL A 574 3.18 0.77 20.35
C VAL A 574 4.13 1.41 19.33
N ILE A 575 4.05 0.98 18.08
CA ILE A 575 4.90 1.54 17.04
C ILE A 575 4.05 1.97 15.87
N ALA A 576 3.85 3.26 15.71
CA ALA A 576 3.03 3.78 14.63
C ALA A 576 3.88 4.40 13.55
N GLN A 577 3.78 3.85 12.35
CA GLN A 577 4.54 4.38 11.23
C GLN A 577 3.70 5.28 10.30
N VAL A 578 4.31 6.37 9.87
CA VAL A 578 3.66 7.34 8.98
C VAL A 578 2.15 7.16 9.10
N GLY A 579 1.60 7.58 10.23
CA GLY A 579 0.17 7.41 10.43
C GLY A 579 -0.61 8.69 10.38
N VAL A 580 -1.93 8.55 10.30
CA VAL A 580 -2.83 9.69 10.27
C VAL A 580 -3.21 9.95 11.72
N MET A 581 -3.10 11.20 12.17
CA MET A 581 -3.42 11.55 13.56
C MET A 581 -4.44 12.67 13.70
N ASP A 582 -4.35 13.66 12.82
CA ASP A 582 -5.29 14.77 12.86
C ASP A 582 -6.45 14.44 11.93
N MET A 583 -7.54 13.93 12.48
CA MET A 583 -8.67 13.56 11.66
C MET A 583 -9.53 14.76 11.30
N LEU A 584 -9.18 15.93 11.84
CA LEU A 584 -9.94 17.14 11.56
C LEU A 584 -9.40 17.89 10.35
N LYS A 585 -8.08 18.02 10.27
CA LYS A 585 -7.45 18.73 9.18
C LYS A 585 -6.77 17.79 8.19
N PHE A 586 -7.03 16.49 8.28
CA PHE A 586 -6.35 15.54 7.38
C PHE A 586 -6.65 15.74 5.90
N HIS A 587 -7.87 16.16 5.60
CA HIS A 587 -8.31 16.37 4.22
C HIS A 587 -7.75 17.61 3.53
N LYS A 588 -7.03 18.47 4.26
CA LYS A 588 -6.51 19.66 3.62
C LYS A 588 -5.09 19.52 3.10
N TYR A 589 -4.51 18.34 3.22
CA TYR A 589 -3.15 18.18 2.77
C TYR A 589 -2.96 17.24 1.59
N THR A 590 -1.96 17.56 0.76
CA THR A 590 -1.65 16.76 -0.41
C THR A 590 -2.88 16.05 -0.97
N ILE A 591 -2.93 14.72 -0.87
CA ILE A 591 -4.05 13.98 -1.43
C ILE A 591 -5.07 13.49 -0.38
N GLY A 592 -4.99 14.05 0.81
CA GLY A 592 -5.91 13.66 1.85
C GLY A 592 -7.39 13.67 1.49
N HIS A 593 -7.83 14.65 0.70
CA HIS A 593 -9.24 14.72 0.35
C HIS A 593 -9.84 13.42 -0.18
N ALA A 594 -8.99 12.53 -0.69
CA ALA A 594 -9.43 11.25 -1.26
C ALA A 594 -9.79 10.19 -0.20
N TRP A 595 -9.40 10.44 1.05
CA TRP A 595 -9.64 9.49 2.12
C TRP A 595 -11.01 9.65 2.78
N THR A 596 -11.63 10.80 2.54
CA THR A 596 -12.93 11.11 3.12
C THR A 596 -13.95 9.98 2.94
N THR A 597 -13.80 9.21 1.87
CA THR A 597 -14.72 8.12 1.57
C THR A 597 -14.66 6.99 2.60
N ASP A 598 -13.60 6.95 3.41
CA ASP A 598 -13.45 5.92 4.44
C ASP A 598 -13.73 6.53 5.83
N TYR A 599 -13.21 7.73 6.07
CA TYR A 599 -13.38 8.39 7.36
C TYR A 599 -14.59 9.33 7.51
N GLY A 600 -14.75 10.24 6.55
CA GLY A 600 -15.83 11.22 6.61
C GLY A 600 -15.14 12.57 6.47
N CYS A 601 -15.87 13.66 6.63
CA CYS A 601 -15.24 14.98 6.50
C CYS A 601 -15.61 15.92 7.65
N SER A 602 -14.62 16.42 8.37
CA SER A 602 -14.87 17.31 9.49
C SER A 602 -15.72 18.49 9.07
N ASP A 603 -15.91 18.65 7.76
CA ASP A 603 -16.71 19.76 7.24
C ASP A 603 -18.18 19.49 7.41
N SER A 604 -18.52 18.24 7.67
CA SER A 604 -19.91 17.85 7.86
C SER A 604 -20.26 17.72 9.33
N LYS A 605 -21.31 18.41 9.74
CA LYS A 605 -21.77 18.38 11.12
C LYS A 605 -21.96 16.95 11.61
N GLN A 606 -22.37 16.05 10.71
CA GLN A 606 -22.62 14.67 11.10
C GLN A 606 -21.38 13.77 11.11
N HIS A 607 -20.41 14.07 10.25
CA HIS A 607 -19.17 13.30 10.16
C HIS A 607 -18.25 13.70 11.31
N PHE A 608 -18.32 14.96 11.70
CA PHE A 608 -17.47 15.43 12.78
C PHE A 608 -17.66 14.61 14.06
N GLU A 609 -18.87 14.13 14.31
CA GLU A 609 -19.13 13.37 15.52
C GLU A 609 -18.47 12.00 15.58
N TRP A 610 -18.22 11.38 14.43
CA TRP A 610 -17.58 10.07 14.44
C TRP A 610 -16.12 10.33 14.69
N LEU A 611 -15.54 11.21 13.88
CA LEU A 611 -14.14 11.56 13.96
C LEU A 611 -13.73 12.06 15.34
N ILE A 612 -14.35 13.15 15.79
CA ILE A 612 -14.03 13.72 17.10
C ILE A 612 -13.87 12.69 18.19
N LYS A 613 -14.69 11.64 18.17
CA LYS A 613 -14.62 10.60 19.19
C LYS A 613 -13.39 9.71 19.15
N TYR A 614 -12.72 9.64 18.00
CA TYR A 614 -11.53 8.79 17.93
C TYR A 614 -10.27 9.49 17.42
N SER A 615 -10.42 10.66 16.81
CA SER A 615 -9.26 11.40 16.33
C SER A 615 -8.17 11.28 17.39
N PRO A 616 -7.10 10.52 17.08
CA PRO A 616 -5.96 10.31 17.99
C PRO A 616 -5.48 11.58 18.70
N LEU A 617 -5.16 12.59 17.89
CA LEU A 617 -4.66 13.86 18.40
C LEU A 617 -5.58 14.59 19.38
N HIS A 618 -6.89 14.28 19.34
CA HIS A 618 -7.83 14.98 20.22
C HIS A 618 -8.43 14.12 21.33
N ASN A 619 -7.89 12.92 21.54
CA ASN A 619 -8.41 12.06 22.60
C ASN A 619 -7.32 11.53 23.54
N VAL A 620 -6.16 12.17 23.50
CA VAL A 620 -5.04 11.81 24.38
C VAL A 620 -5.45 12.24 25.78
N LYS A 621 -5.37 11.31 26.75
CA LYS A 621 -5.74 11.65 28.12
C LYS A 621 -4.93 10.87 29.15
N LEU A 622 -4.77 11.46 30.34
CA LEU A 622 -4.02 10.82 31.41
C LEU A 622 -4.95 9.79 32.07
N PRO A 623 -4.56 8.51 32.06
CA PRO A 623 -5.41 7.48 32.66
C PRO A 623 -5.87 7.90 34.05
N GLU A 624 -7.13 7.61 34.35
CA GLU A 624 -7.73 7.95 35.64
C GLU A 624 -7.25 7.04 36.77
N ALA A 625 -6.94 5.79 36.44
CA ALA A 625 -6.47 4.82 37.43
C ALA A 625 -5.03 5.12 37.84
N ASP A 626 -4.74 4.96 39.13
CA ASP A 626 -3.41 5.20 39.63
C ASP A 626 -2.39 4.30 38.95
N ASP A 627 -2.59 2.99 39.14
CA ASP A 627 -1.71 1.95 38.59
C ASP A 627 -1.63 1.83 37.07
N ILE A 628 -2.24 2.78 36.34
CA ILE A 628 -2.24 2.71 34.88
C ILE A 628 -1.47 3.84 34.19
N GLN A 629 -0.83 3.53 33.07
CA GLN A 629 -0.07 4.51 32.31
C GLN A 629 0.01 4.14 30.82
N TYR A 630 0.38 5.11 30.00
CA TYR A 630 0.49 4.92 28.55
C TYR A 630 1.62 3.97 28.17
N PRO A 631 1.41 3.19 27.10
CA PRO A 631 2.45 2.25 26.66
C PRO A 631 3.59 3.00 26.00
N SER A 632 4.78 2.42 26.02
CA SER A 632 5.93 3.06 25.38
C SER A 632 5.52 3.27 23.92
N MET A 633 5.74 4.46 23.39
CA MET A 633 5.35 4.74 22.01
C MET A 633 6.45 5.30 21.13
N LEU A 634 6.60 4.70 19.94
CA LEU A 634 7.60 5.16 18.99
C LEU A 634 6.90 5.50 17.69
N LEU A 635 6.92 6.77 17.31
CA LEU A 635 6.29 7.21 16.07
C LEU A 635 7.41 7.28 15.06
N LEU A 636 7.17 6.84 13.84
CA LEU A 636 8.19 6.88 12.82
C LEU A 636 7.65 7.58 11.60
N THR A 637 8.42 8.54 11.07
CA THR A 637 8.01 9.27 9.89
C THR A 637 9.22 9.94 9.26
N ALA A 638 9.08 10.36 8.00
CA ALA A 638 10.18 11.01 7.31
C ALA A 638 9.73 12.38 6.80
N ASP A 639 10.69 13.20 6.39
CA ASP A 639 10.40 14.55 5.92
C ASP A 639 9.86 14.67 4.50
N HIS A 640 10.02 13.63 3.70
CA HIS A 640 9.54 13.67 2.32
C HIS A 640 8.28 12.85 2.12
N ASP A 641 7.59 12.55 3.21
CA ASP A 641 6.36 11.78 3.10
C ASP A 641 5.29 12.77 2.68
N ASP A 642 4.97 12.79 1.40
CA ASP A 642 3.94 13.72 0.92
C ASP A 642 2.59 13.04 0.86
N ARG A 643 2.58 11.73 1.16
CA ARG A 643 1.34 10.96 1.17
C ARG A 643 0.63 11.29 2.47
N VAL A 644 1.34 11.14 3.58
CA VAL A 644 0.79 11.47 4.89
C VAL A 644 1.80 12.41 5.54
N VAL A 645 1.67 13.69 5.25
CA VAL A 645 2.54 14.73 5.74
C VAL A 645 2.91 14.57 7.21
N PRO A 646 4.19 14.81 7.55
CA PRO A 646 4.75 14.71 8.89
C PRO A 646 4.03 15.45 10.01
N LEU A 647 3.30 16.51 9.67
CA LEU A 647 2.60 17.28 10.70
C LEU A 647 1.68 16.47 11.59
N HIS A 648 1.21 15.33 11.11
CA HIS A 648 0.33 14.50 11.90
C HIS A 648 1.08 13.93 13.09
N SER A 649 2.21 13.27 12.83
CA SER A 649 3.03 12.68 13.87
C SER A 649 3.66 13.77 14.74
N LEU A 650 4.17 14.81 14.08
CA LEU A 650 4.81 15.93 14.77
C LEU A 650 3.88 16.45 15.85
N LYS A 651 2.65 16.79 15.46
CA LYS A 651 1.64 17.33 16.39
C LYS A 651 1.23 16.30 17.43
N PHE A 652 1.02 15.06 17.01
CA PHE A 652 0.63 14.03 17.95
C PHE A 652 1.67 13.78 19.03
N ILE A 653 2.96 13.90 18.69
CA ILE A 653 4.01 13.67 19.69
C ILE A 653 4.13 14.81 20.70
N ALA A 654 3.96 16.05 20.26
CA ALA A 654 4.05 17.19 21.15
C ALA A 654 2.95 17.01 22.20
N THR A 655 1.77 16.60 21.73
CA THR A 655 0.64 16.37 22.60
C THR A 655 0.88 15.29 23.68
N LEU A 656 1.45 14.16 23.26
CA LEU A 656 1.73 13.06 24.18
C LEU A 656 2.70 13.44 25.29
N GLN A 657 3.87 13.97 24.94
CA GLN A 657 4.87 14.35 25.93
C GLN A 657 4.31 15.40 26.91
N TYR A 658 3.35 16.19 26.45
CA TYR A 658 2.78 17.21 27.30
C TYR A 658 1.71 16.71 28.25
N ILE A 659 0.61 16.19 27.71
CA ILE A 659 -0.50 15.69 28.51
C ILE A 659 -0.14 14.47 29.37
N VAL A 660 0.37 13.44 28.70
CA VAL A 660 0.75 12.20 29.33
C VAL A 660 2.23 12.15 29.72
N GLY A 661 3.06 12.74 28.88
CA GLY A 661 4.50 12.72 29.11
C GLY A 661 5.02 13.41 30.34
N ARG A 662 4.48 14.59 30.63
CA ARG A 662 4.91 15.40 31.77
C ARG A 662 4.49 14.92 33.17
N SER A 663 3.48 14.06 33.28
CA SER A 663 3.07 13.58 34.61
C SER A 663 4.17 12.70 35.21
N ARG A 664 4.13 12.47 36.52
CA ARG A 664 5.17 11.69 37.18
C ARG A 664 5.00 10.17 37.17
N LYS A 665 3.76 9.73 37.01
CA LYS A 665 3.45 8.30 37.00
C LYS A 665 3.74 7.65 35.66
N GLN A 666 4.14 8.46 34.68
CA GLN A 666 4.46 7.93 33.37
C GLN A 666 5.95 7.74 33.23
N ASN A 667 6.39 6.51 33.40
CA ASN A 667 7.78 6.14 33.29
C ASN A 667 8.10 5.75 31.83
N ASN A 668 7.11 5.23 31.13
CA ASN A 668 7.28 4.80 29.73
C ASN A 668 7.58 5.93 28.77
N PRO A 669 8.44 5.68 27.79
CA PRO A 669 8.82 6.68 26.79
C PRO A 669 7.81 7.02 25.70
N LEU A 670 7.87 8.27 25.26
CA LEU A 670 7.02 8.79 24.18
C LEU A 670 7.99 9.44 23.21
N LEU A 671 8.54 8.66 22.30
CA LEU A 671 9.52 9.16 21.33
C LEU A 671 9.00 9.23 19.89
N ILE A 672 9.75 9.96 19.05
CA ILE A 672 9.44 10.13 17.65
C ILE A 672 10.76 10.13 16.87
N HIS A 673 10.72 9.71 15.61
CA HIS A 673 11.93 9.66 14.81
C HIS A 673 11.62 10.12 13.39
N VAL A 674 12.19 11.24 12.98
CA VAL A 674 11.93 11.78 11.65
C VAL A 674 13.11 11.56 10.71
N ASP A 675 12.93 10.67 9.74
CA ASP A 675 13.96 10.32 8.77
C ASP A 675 14.11 11.39 7.68
N THR A 676 15.29 11.46 7.08
CA THR A 676 15.52 12.44 6.02
C THR A 676 15.72 11.74 4.68
N LYS A 677 15.16 12.31 3.63
CA LYS A 677 15.28 11.74 2.30
C LYS A 677 14.42 10.51 2.13
N ALA A 678 13.42 10.36 2.99
CA ALA A 678 12.53 9.21 2.90
C ALA A 678 11.07 9.65 2.92
N GLY A 679 10.25 8.92 2.18
CA GLY A 679 8.84 9.25 2.08
C GLY A 679 7.92 8.30 2.81
N HIS A 680 6.67 8.23 2.35
CA HIS A 680 5.66 7.38 2.96
C HIS A 680 6.04 5.92 3.10
N GLY A 681 6.96 5.43 2.28
CA GLY A 681 7.33 4.05 2.42
C GLY A 681 7.81 3.34 1.17
N ALA A 682 7.09 3.52 0.07
CA ALA A 682 7.46 2.87 -1.18
C ALA A 682 8.82 3.34 -1.66
N GLY A 683 9.59 2.41 -2.24
CA GLY A 683 10.90 2.76 -2.77
C GLY A 683 11.99 2.96 -1.75
N LYS A 684 11.69 2.78 -0.47
CA LYS A 684 12.74 2.94 0.54
C LYS A 684 13.86 1.97 0.19
N PRO A 685 15.10 2.48 0.04
CA PRO A 685 16.23 1.62 -0.30
C PRO A 685 16.52 0.63 0.81
N THR A 686 17.02 -0.54 0.43
CA THR A 686 17.36 -1.60 1.37
C THR A 686 18.03 -1.04 2.63
N ALA A 687 19.21 -0.44 2.49
CA ALA A 687 19.92 0.12 3.62
C ALA A 687 18.98 0.80 4.63
N LYS A 688 18.16 1.73 4.16
CA LYS A 688 17.25 2.41 5.07
C LYS A 688 16.25 1.44 5.70
N VAL A 689 15.77 0.49 4.91
CA VAL A 689 14.81 -0.48 5.41
C VAL A 689 15.37 -1.22 6.62
N ILE A 690 16.56 -1.79 6.47
CA ILE A 690 17.20 -2.51 7.54
C ILE A 690 17.32 -1.62 8.78
N GLU A 691 17.84 -0.43 8.58
CA GLU A 691 18.01 0.54 9.67
C GLU A 691 16.72 0.79 10.44
N GLU A 692 15.61 0.78 9.74
CA GLU A 692 14.30 1.02 10.35
C GLU A 692 13.89 -0.11 11.30
N VAL A 693 13.83 -1.34 10.79
CA VAL A 693 13.42 -2.48 11.61
C VAL A 693 14.30 -2.66 12.84
N SER A 694 15.58 -2.31 12.71
CA SER A 694 16.53 -2.42 13.79
C SER A 694 16.10 -1.52 14.93
N ASP A 695 15.60 -0.33 14.59
CA ASP A 695 15.12 0.59 15.63
C ASP A 695 13.86 0.00 16.24
N MET A 696 12.84 -0.18 15.41
CA MET A 696 11.55 -0.72 15.84
C MET A 696 11.65 -1.84 16.85
N PHE A 697 12.57 -2.76 16.59
CA PHE A 697 12.75 -3.92 17.45
C PHE A 697 13.72 -3.71 18.57
N ALA A 698 14.63 -2.78 18.41
CA ALA A 698 15.58 -2.46 19.47
C ALA A 698 14.72 -1.77 20.51
N PHE A 699 13.91 -0.81 20.08
CA PHE A 699 13.01 -0.07 20.96
C PHE A 699 12.23 -1.03 21.84
N ILE A 700 11.63 -2.04 21.22
CA ILE A 700 10.85 -3.05 21.93
C ILE A 700 11.66 -3.77 22.99
N ALA A 701 12.88 -4.18 22.63
CA ALA A 701 13.76 -4.90 23.54
C ALA A 701 14.11 -4.07 24.76
N ARG A 702 14.45 -2.81 24.54
CA ARG A 702 14.81 -1.95 25.64
C ARG A 702 13.57 -1.63 26.48
N CYS A 703 12.43 -1.48 25.83
CA CYS A 703 11.19 -1.14 26.51
C CYS A 703 10.61 -2.28 27.34
N LEU A 704 10.48 -3.45 26.74
CA LEU A 704 9.93 -4.61 27.45
C LEU A 704 11.03 -5.40 28.14
N ASN A 705 12.28 -4.94 28.03
CA ASN A 705 13.41 -5.62 28.66
C ASN A 705 13.51 -7.06 28.16
N ILE A 706 13.64 -7.24 26.85
CA ILE A 706 13.71 -8.56 26.24
C ILE A 706 15.14 -9.01 25.92
N ASP A 707 15.48 -10.22 26.35
CA ASP A 707 16.81 -10.75 26.12
C ASP A 707 16.96 -11.18 24.66
N TRP A 708 18.19 -11.53 24.28
CA TRP A 708 18.48 -11.96 22.91
C TRP A 708 18.84 -13.44 22.89
N ILE A 709 18.24 -14.18 21.95
CA ILE A 709 18.50 -15.61 21.84
C ILE A 709 19.34 -15.96 20.62
N PRO A 710 20.57 -16.43 20.85
CA PRO A 710 21.46 -16.79 19.75
C PRO A 710 20.93 -18.01 18.99
#